data_5BO3
#
_entry.id   5BO3
#
_cell.length_a   95.038
_cell.length_b   78.136
_cell.length_c   102.643
_cell.angle_alpha   90.00
_cell.angle_beta   111.08
_cell.angle_gamma   90.00
#
_symmetry.space_group_name_H-M   'C 1 2 1'
#
loop_
_entity.id
_entity.type
_entity.pdbx_description
1 polymer 'Anthranilate phosphoribosyltransferase'
2 non-polymer '2-[(2-carboxyphenyl)amino]-5-(4-phosphonobutoxy)benzoic acid'
3 non-polymer IMIDAZOLE
4 water water
#
_entity_poly.entity_id   1
_entity_poly.type   'polypeptide(L)'
_entity_poly.pdbx_seq_one_letter_code
;MVALSAEGSSGGSRGGSPKAEAASVPSWPQILGRLTDNRDLARGQAAWAMDQIMTGNARPAQIAAFAVAMTMKAPTADEV
GELAGVMLSHAHPLPADTVPDDAVDVVGTGGDGVNTVNLSTMAAIVVAAAGVPVVKHGNRAASSLSGGADTLEALGVRID
LGPDLVARSLAEVGIGFCFAPRFHPSYRHAAAVRREIGVPTVFNLLGPLTNPARPRAGLIGCAFADLAEVMAGVFAARRS
SVLVVHGDDGLDELTTTTTSTIWRVAAGSVDKLTFDPAGFGFARAQLDQLAGGDAQANAAAVRAVLGGARGPVRDAVVLN
AAGAIVAHAGLSSRAEWLPAWEEGLRRASAAIDTGAAEQLLARWVRFGRQILEHHHHHH
;
_entity_poly.pdbx_strand_id   A,B
#
loop_
_chem_comp.id
_chem_comp.type
_chem_comp.name
_chem_comp.formula
7P2 non-polymer '2-[(2-carboxyphenyl)amino]-5-(4-phosphonobutoxy)benzoic acid' 'C18 H20 N O8 P'
IMD non-polymer IMIDAZOLE 'C3 H5 N2 1'
#
# COMPACT_ATOMS: atom_id res chain seq x y z
N PRO A 26 -2.58 -19.78 -2.44
CA PRO A 26 -2.84 -18.37 -2.11
C PRO A 26 -2.78 -17.46 -3.33
N SER A 27 -2.99 -16.17 -3.12
CA SER A 27 -2.98 -15.21 -4.21
C SER A 27 -2.83 -13.79 -3.68
N TRP A 28 -2.37 -12.89 -4.54
CA TRP A 28 -2.22 -11.50 -4.17
C TRP A 28 -3.56 -10.86 -3.78
N PRO A 29 -4.62 -11.09 -4.58
CA PRO A 29 -5.90 -10.52 -4.18
C PRO A 29 -6.34 -10.96 -2.79
N GLN A 30 -6.04 -12.21 -2.45
CA GLN A 30 -6.41 -12.77 -1.16
C GLN A 30 -5.62 -12.11 -0.04
N ILE A 31 -4.30 -12.15 -0.16
CA ILE A 31 -3.43 -11.62 0.89
C ILE A 31 -3.56 -10.11 1.01
N LEU A 32 -3.56 -9.39 -0.11
CA LEU A 32 -3.70 -7.94 -0.08
C LEU A 32 -5.08 -7.52 0.43
N GLY A 33 -6.12 -8.26 0.06
CA GLY A 33 -7.46 -7.99 0.56
C GLY A 33 -7.52 -8.15 2.07
N ARG A 34 -6.85 -9.18 2.56
CA ARG A 34 -6.78 -9.44 3.99
C ARG A 34 -6.05 -8.30 4.72
N LEU A 35 -4.93 -7.86 4.15
CA LEU A 35 -4.17 -6.79 4.76
C LEU A 35 -4.93 -5.47 4.73
N THR A 36 -5.59 -5.17 3.59
CA THR A 36 -6.32 -3.90 3.49
C THR A 36 -7.53 -3.90 4.41
N ASP A 37 -8.02 -5.09 4.77
CA ASP A 37 -9.11 -5.20 5.74
CA ASP A 37 -9.11 -5.21 5.73
C ASP A 37 -8.58 -5.13 7.16
N ASN A 38 -7.28 -4.84 7.28
CA ASN A 38 -6.62 -4.66 8.58
C ASN A 38 -6.58 -5.94 9.41
N ARG A 39 -6.48 -7.09 8.74
CA ARG A 39 -6.43 -8.39 9.41
CA ARG A 39 -6.43 -8.37 9.42
C ARG A 39 -5.02 -8.98 9.37
N ASP A 40 -4.62 -9.60 10.47
CA ASP A 40 -3.36 -10.35 10.48
C ASP A 40 -3.47 -11.50 9.49
N LEU A 41 -2.33 -11.93 8.95
CA LEU A 41 -2.34 -12.98 7.94
C LEU A 41 -2.43 -14.35 8.58
N ALA A 42 -2.90 -15.33 7.81
CA ALA A 42 -2.88 -16.72 8.26
C ALA A 42 -1.45 -17.24 8.16
N ARG A 43 -1.12 -18.24 8.97
CA ARG A 43 0.16 -18.95 8.87
C ARG A 43 0.52 -19.29 7.42
N GLY A 44 1.71 -18.90 7.00
CA GLY A 44 2.22 -19.24 5.69
C GLY A 44 2.01 -18.16 4.63
N GLN A 45 1.07 -17.26 4.85
CA GLN A 45 0.74 -16.27 3.82
C GLN A 45 1.84 -15.23 3.61
N ALA A 46 2.45 -14.76 4.69
CA ALA A 46 3.55 -13.80 4.52
C ALA A 46 4.70 -14.51 3.82
N ALA A 47 4.93 -15.76 4.16
CA ALA A 47 5.97 -16.57 3.52
C ALA A 47 5.69 -16.71 2.03
N TRP A 48 4.45 -17.03 1.67
CA TRP A 48 4.10 -17.19 0.26
C TRP A 48 4.39 -15.90 -0.50
N ALA A 49 3.97 -14.78 0.07
CA ALA A 49 4.18 -13.48 -0.56
C ALA A 49 5.68 -13.20 -0.76
N MET A 50 6.45 -13.33 0.31
CA MET A 50 7.88 -13.07 0.22
C MET A 50 8.52 -13.97 -0.83
N ASP A 51 8.04 -15.20 -0.90
CA ASP A 51 8.62 -16.18 -1.82
C ASP A 51 8.36 -15.78 -3.26
N GLN A 52 7.15 -15.30 -3.55
CA GLN A 52 6.83 -14.80 -4.88
C GLN A 52 7.77 -13.66 -5.24
N ILE A 53 7.99 -12.78 -4.28
CA ILE A 53 8.83 -11.62 -4.48
C ILE A 53 10.27 -12.03 -4.75
N MET A 54 10.73 -13.05 -4.02
CA MET A 54 12.12 -13.49 -4.10
C MET A 54 12.39 -14.47 -5.24
N THR A 55 11.36 -14.85 -6.00
CA THR A 55 11.53 -15.76 -7.13
C THR A 55 11.20 -15.09 -8.46
N GLY A 56 11.14 -13.76 -8.45
CA GLY A 56 10.90 -12.99 -9.67
C GLY A 56 9.51 -13.15 -10.24
N ASN A 57 8.56 -13.55 -9.40
CA ASN A 57 7.19 -13.84 -9.83
C ASN A 57 6.20 -12.76 -9.43
N ALA A 58 6.71 -11.67 -8.84
CA ALA A 58 5.87 -10.55 -8.43
C ALA A 58 6.14 -9.34 -9.31
N ARG A 59 5.07 -8.73 -9.82
CA ARG A 59 5.17 -7.47 -10.54
C ARG A 59 5.54 -6.36 -9.57
N PRO A 60 6.26 -5.33 -10.05
CA PRO A 60 6.58 -4.21 -9.17
C PRO A 60 5.36 -3.66 -8.41
N ALA A 61 4.22 -3.52 -9.09
CA ALA A 61 3.03 -3.04 -8.42
C ALA A 61 2.57 -3.96 -7.30
N GLN A 62 2.74 -5.27 -7.50
CA GLN A 62 2.38 -6.24 -6.47
C GLN A 62 3.35 -6.13 -5.29
N ILE A 63 4.65 -6.03 -5.58
CA ILE A 63 5.62 -5.88 -4.52
C ILE A 63 5.32 -4.64 -3.69
N ALA A 64 5.05 -3.53 -4.38
CA ALA A 64 4.79 -2.26 -3.71
C ALA A 64 3.50 -2.32 -2.89
N ALA A 65 2.44 -2.90 -3.44
CA ALA A 65 1.18 -3.01 -2.71
C ALA A 65 1.36 -3.81 -1.43
N PHE A 66 2.15 -4.87 -1.51
CA PHE A 66 2.39 -5.73 -0.35
C PHE A 66 3.21 -5.00 0.70
N ALA A 67 4.28 -4.33 0.24
CA ALA A 67 5.16 -3.60 1.14
C ALA A 67 4.35 -2.60 1.94
N VAL A 68 3.51 -1.83 1.25
CA VAL A 68 2.71 -0.79 1.90
C VAL A 68 1.64 -1.38 2.80
N ALA A 69 0.91 -2.36 2.29
CA ALA A 69 -0.17 -2.98 3.07
C ALA A 69 0.37 -3.64 4.33
N MET A 70 1.47 -4.38 4.20
CA MET A 70 2.08 -5.02 5.36
C MET A 70 2.56 -3.99 6.37
N THR A 71 2.90 -2.79 5.90
CA THR A 71 3.39 -1.75 6.79
C THR A 71 2.25 -1.05 7.53
N MET A 72 1.17 -0.75 6.80
CA MET A 72 0.06 0.00 7.39
C MET A 72 -0.83 -0.87 8.26
N LYS A 73 -0.89 -2.16 7.92
CA LYS A 73 -1.43 -3.16 8.83
C LYS A 73 -0.25 -3.62 9.66
N ALA A 74 -0.10 -3.05 10.85
CA ALA A 74 1.12 -3.26 11.66
C ALA A 74 1.54 -4.73 11.67
N PRO A 75 2.78 -5.02 11.22
CA PRO A 75 3.22 -6.41 11.12
C PRO A 75 3.46 -7.10 12.48
N THR A 76 3.13 -8.38 12.54
CA THR A 76 3.33 -9.18 13.73
C THR A 76 4.69 -9.87 13.70
N ALA A 77 5.17 -10.32 14.86
CA ALA A 77 6.43 -11.06 14.93
C ALA A 77 6.38 -12.32 14.07
N ASP A 78 5.23 -12.99 14.06
CA ASP A 78 5.07 -14.19 13.23
C ASP A 78 5.27 -13.86 11.76
N GLU A 79 4.68 -12.75 11.34
CA GLU A 79 4.72 -12.33 9.94
C GLU A 79 6.13 -11.90 9.54
N VAL A 80 6.76 -11.09 10.39
CA VAL A 80 8.11 -10.62 10.09
C VAL A 80 9.05 -11.83 10.06
N GLY A 81 8.89 -12.74 11.00
CA GLY A 81 9.65 -13.98 11.02
C GLY A 81 9.51 -14.78 9.74
N GLU A 82 8.31 -14.84 9.16
CA GLU A 82 8.11 -15.57 7.91
C GLU A 82 8.82 -14.89 6.74
N LEU A 83 8.75 -13.57 6.68
CA LEU A 83 9.45 -12.79 5.66
C LEU A 83 10.95 -13.05 5.70
N ALA A 84 11.53 -12.93 6.88
CA ALA A 84 12.97 -13.11 7.04
C ALA A 84 13.35 -14.55 6.74
N GLY A 85 12.48 -15.49 7.13
CA GLY A 85 12.73 -16.89 6.92
C GLY A 85 12.86 -17.27 5.47
N VAL A 86 11.98 -16.70 4.63
CA VAL A 86 12.02 -16.98 3.21
C VAL A 86 13.30 -16.40 2.63
N MET A 87 13.62 -15.19 3.05
CA MET A 87 14.81 -14.54 2.57
C MET A 87 16.05 -15.39 2.88
N LEU A 88 16.16 -15.86 4.12
CA LEU A 88 17.28 -16.72 4.51
C LEU A 88 17.24 -18.09 3.83
N SER A 89 16.06 -18.59 3.49
CA SER A 89 15.97 -19.90 2.84
C SER A 89 16.51 -19.84 1.41
N HIS A 90 16.51 -18.63 0.83
CA HIS A 90 17.00 -18.42 -0.53
C HIS A 90 18.45 -17.95 -0.58
N ALA A 91 18.97 -17.50 0.55
CA ALA A 91 20.27 -16.84 0.58
C ALA A 91 21.44 -17.82 0.48
N HIS A 92 22.57 -17.33 0.01
CA HIS A 92 23.82 -18.08 0.08
C HIS A 92 24.25 -18.16 1.53
N PRO A 93 24.49 -19.38 2.04
CA PRO A 93 24.95 -19.51 3.42
C PRO A 93 26.46 -19.45 3.49
N LEU A 94 27.02 -19.32 4.69
CA LEU A 94 28.44 -19.50 4.86
C LEU A 94 28.71 -20.99 4.92
N PRO A 95 29.93 -21.41 4.54
CA PRO A 95 30.28 -22.83 4.63
C PRO A 95 30.10 -23.37 6.05
N ALA A 96 29.78 -24.66 6.16
CA ALA A 96 29.52 -25.28 7.46
C ALA A 96 30.69 -25.09 8.42
N ASP A 97 30.36 -24.85 9.69
CA ASP A 97 31.35 -24.71 10.76
C ASP A 97 32.33 -23.55 10.58
N THR A 98 31.96 -22.54 9.79
CA THR A 98 32.83 -21.37 9.60
C THR A 98 32.39 -20.19 10.46
N VAL A 99 31.17 -20.24 10.99
CA VAL A 99 30.68 -19.19 11.86
C VAL A 99 30.67 -19.68 13.29
N PRO A 100 31.51 -19.08 14.15
CA PRO A 100 31.53 -19.49 15.57
C PRO A 100 30.16 -19.39 16.21
N ASP A 101 29.87 -20.32 17.11
CA ASP A 101 28.55 -20.39 17.74
C ASP A 101 28.21 -19.11 18.51
N ASP A 102 29.23 -18.33 18.88
CA ASP A 102 29.02 -17.13 19.69
C ASP A 102 29.29 -15.84 18.93
N ALA A 103 29.22 -15.88 17.61
CA ALA A 103 29.40 -14.67 16.81
C ALA A 103 28.25 -13.70 17.05
N VAL A 104 28.54 -12.40 16.92
CA VAL A 104 27.54 -11.37 17.15
C VAL A 104 27.39 -10.43 15.96
N ASP A 105 26.24 -9.78 15.90
CA ASP A 105 25.97 -8.74 14.92
C ASP A 105 25.90 -7.42 15.68
N VAL A 106 26.25 -6.33 15.01
CA VAL A 106 26.08 -5.00 15.57
C VAL A 106 25.54 -4.10 14.47
N VAL A 107 24.28 -3.70 14.60
CA VAL A 107 23.57 -3.11 13.49
C VAL A 107 22.30 -2.40 13.93
N GLY A 108 21.89 -1.39 13.15
CA GLY A 108 20.62 -0.72 13.33
C GLY A 108 19.79 -0.74 12.07
N THR A 109 18.49 -0.59 12.22
CA THR A 109 17.56 -0.59 11.08
C THR A 109 17.67 0.69 10.28
N GLY A 110 18.18 1.75 10.91
CA GLY A 110 18.33 3.04 10.27
C GLY A 110 17.01 3.76 10.16
N THR A 116 23.13 5.99 11.88
CA THR A 116 24.17 5.81 12.90
C THR A 116 25.19 4.75 12.47
N VAL A 117 25.35 4.59 11.16
CA VAL A 117 26.32 3.65 10.61
C VAL A 117 27.72 3.92 11.17
N ASN A 118 27.98 5.17 11.54
CA ASN A 118 29.26 5.53 12.14
C ASN A 118 29.45 4.81 13.47
N LEU A 119 28.43 4.82 14.32
CA LEU A 119 28.53 4.22 15.65
C LEU A 119 28.59 2.70 15.61
N SER A 120 27.72 2.11 14.80
CA SER A 120 27.64 0.66 14.73
C SER A 120 28.89 0.08 14.08
N THR A 121 29.43 0.79 13.08
CA THR A 121 30.65 0.35 12.41
C THR A 121 31.82 0.32 13.39
N MET A 122 31.96 1.40 14.15
CA MET A 122 33.02 1.51 15.15
C MET A 122 32.83 0.51 16.27
N ALA A 123 31.62 0.42 16.81
CA ALA A 123 31.32 -0.53 17.87
C ALA A 123 31.65 -1.95 17.40
N ALA A 124 31.34 -2.26 16.14
CA ALA A 124 31.60 -3.59 15.61
C ALA A 124 33.09 -3.93 15.62
N ILE A 125 33.92 -2.97 15.21
CA ILE A 125 35.37 -3.19 15.19
C ILE A 125 35.90 -3.38 16.61
N VAL A 126 35.39 -2.57 17.53
CA VAL A 126 35.78 -2.62 18.94
C VAL A 126 35.44 -3.98 19.55
N VAL A 127 34.22 -4.43 19.32
CA VAL A 127 33.78 -5.73 19.83
C VAL A 127 34.68 -6.85 19.30
N ALA A 128 34.96 -6.84 17.99
CA ALA A 128 35.82 -7.85 17.40
C ALA A 128 37.19 -7.82 18.06
N ALA A 129 37.68 -6.61 18.31
CA ALA A 129 39.01 -6.44 18.90
C ALA A 129 39.05 -6.94 20.34
N ALA A 130 37.89 -6.98 20.99
CA ALA A 130 37.80 -7.50 22.36
C ALA A 130 37.79 -9.02 22.38
N GLY A 131 37.71 -9.65 21.21
CA GLY A 131 37.76 -11.09 21.12
C GLY A 131 36.43 -11.77 20.83
N VAL A 132 35.39 -10.97 20.61
CA VAL A 132 34.09 -11.52 20.28
C VAL A 132 33.90 -11.51 18.75
N PRO A 133 33.76 -12.69 18.12
CA PRO A 133 33.60 -12.70 16.66
C PRO A 133 32.40 -11.88 16.22
N VAL A 134 32.59 -11.04 15.20
CA VAL A 134 31.53 -10.20 14.68
C VAL A 134 31.31 -10.52 13.21
N VAL A 135 30.06 -10.73 12.81
CA VAL A 135 29.77 -10.88 11.39
C VAL A 135 28.57 -10.01 11.07
N LYS A 136 28.82 -9.02 10.23
CA LYS A 136 27.83 -8.02 9.89
C LYS A 136 27.20 -8.34 8.54
N HIS A 137 26.15 -7.58 8.25
CA HIS A 137 25.38 -7.76 7.03
C HIS A 137 24.87 -6.38 6.63
N GLY A 138 25.13 -5.98 5.40
CA GLY A 138 24.72 -4.66 4.97
C GLY A 138 24.86 -4.38 3.49
N ASN A 139 24.44 -3.16 3.13
CA ASN A 139 24.31 -2.77 1.74
C ASN A 139 24.84 -1.34 1.60
N ARG A 140 25.12 -0.92 0.38
CA ARG A 140 25.44 0.48 0.13
C ARG A 140 24.15 1.31 0.21
N ALA A 141 24.29 2.60 0.52
CA ALA A 141 23.14 3.49 0.59
C ALA A 141 22.96 4.22 -0.74
N ALA A 149 28.27 -0.12 4.79
CA ALA A 149 29.14 -0.68 3.76
C ALA A 149 30.00 0.40 3.11
N ASP A 150 29.42 1.57 2.87
CA ASP A 150 30.13 2.68 2.24
C ASP A 150 31.26 3.20 3.12
N THR A 151 31.02 3.25 4.43
CA THR A 151 32.02 3.72 5.36
C THR A 151 33.20 2.75 5.40
N LEU A 152 32.90 1.45 5.41
CA LEU A 152 33.95 0.44 5.43
C LEU A 152 34.82 0.53 4.18
N GLU A 153 34.19 0.75 3.03
CA GLU A 153 34.92 0.85 1.77
C GLU A 153 35.85 2.06 1.78
N ALA A 154 35.36 3.17 2.32
CA ALA A 154 36.16 4.39 2.45
C ALA A 154 37.39 4.15 3.32
N LEU A 155 37.25 3.24 4.29
CA LEU A 155 38.36 2.84 5.16
C LEU A 155 39.28 1.83 4.49
N GLY A 156 38.97 1.46 3.25
CA GLY A 156 39.80 0.54 2.48
C GLY A 156 39.52 -0.94 2.69
N VAL A 157 38.40 -1.26 3.34
CA VAL A 157 37.97 -2.64 3.52
C VAL A 157 37.26 -3.13 2.26
N ARG A 158 37.60 -4.33 1.82
CA ARG A 158 36.89 -4.98 0.71
C ARG A 158 35.61 -5.60 1.26
N ILE A 159 34.47 -5.02 0.90
CA ILE A 159 33.20 -5.43 1.47
C ILE A 159 32.48 -6.50 0.66
N ASP A 160 32.73 -6.53 -0.65
CA ASP A 160 32.02 -7.45 -1.53
C ASP A 160 32.80 -8.75 -1.70
N LEU A 161 32.55 -9.68 -0.77
CA LEU A 161 33.23 -10.97 -0.76
C LEU A 161 32.23 -12.12 -0.72
N GLY A 162 32.58 -13.21 -1.38
CA GLY A 162 31.75 -14.39 -1.37
C GLY A 162 31.83 -15.12 -0.03
N PRO A 163 30.94 -16.09 0.19
CA PRO A 163 30.88 -16.85 1.45
C PRO A 163 32.23 -17.37 1.92
N ASP A 164 33.02 -17.94 1.02
CA ASP A 164 34.30 -18.54 1.39
C ASP A 164 35.26 -17.52 1.97
N LEU A 165 35.29 -16.32 1.41
CA LEU A 165 36.22 -15.30 1.84
C LEU A 165 35.72 -14.56 3.08
N VAL A 166 34.41 -14.44 3.26
CA VAL A 166 33.88 -13.90 4.50
C VAL A 166 34.28 -14.84 5.64
N ALA A 167 34.16 -16.14 5.40
CA ALA A 167 34.54 -17.15 6.39
C ALA A 167 36.03 -17.01 6.75
N ARG A 168 36.88 -16.88 5.74
CA ARG A 168 38.30 -16.70 5.98
C ARG A 168 38.55 -15.43 6.77
N SER A 169 37.81 -14.37 6.44
CA SER A 169 37.96 -13.10 7.15
C SER A 169 37.62 -13.26 8.62
N LEU A 170 36.54 -13.98 8.90
CA LEU A 170 36.10 -14.20 10.28
C LEU A 170 37.18 -14.94 11.08
N ALA A 171 37.76 -15.96 10.47
CA ALA A 171 38.76 -16.76 11.14
C ALA A 171 40.04 -15.97 11.36
N GLU A 172 40.51 -15.32 10.30
CA GLU A 172 41.84 -14.72 10.31
C GLU A 172 41.87 -13.33 10.96
N VAL A 173 40.81 -12.55 10.78
CA VAL A 173 40.77 -11.17 11.27
C VAL A 173 39.89 -11.04 12.53
N GLY A 174 38.88 -11.88 12.63
CA GLY A 174 37.94 -11.83 13.75
C GLY A 174 36.67 -11.07 13.44
N ILE A 175 36.54 -10.61 12.19
CA ILE A 175 35.36 -9.88 11.76
C ILE A 175 35.10 -10.19 10.28
N GLY A 176 33.83 -10.19 9.91
CA GLY A 176 33.45 -10.41 8.53
C GLY A 176 32.24 -9.56 8.16
N PHE A 177 32.08 -9.33 6.87
CA PHE A 177 30.96 -8.52 6.37
C PHE A 177 30.32 -9.21 5.18
N CYS A 178 29.03 -9.49 5.31
CA CYS A 178 28.24 -10.07 4.22
C CYS A 178 27.55 -8.96 3.43
N PHE A 179 28.06 -8.69 2.23
CA PHE A 179 27.48 -7.69 1.34
C PHE A 179 26.17 -8.21 0.78
N ALA A 180 25.09 -7.48 1.04
CA ALA A 180 23.75 -8.02 0.84
C ALA A 180 23.46 -8.51 -0.60
N PRO A 181 23.80 -7.71 -1.62
CA PRO A 181 23.57 -8.19 -2.99
C PRO A 181 24.29 -9.49 -3.34
N ARG A 182 25.41 -9.77 -2.68
CA ARG A 182 26.21 -10.97 -2.98
C ARG A 182 25.59 -12.22 -2.35
N PHE A 183 24.81 -12.04 -1.30
CA PHE A 183 24.19 -13.17 -0.59
C PHE A 183 22.69 -13.29 -0.83
N HIS A 184 22.07 -12.19 -1.25
CA HIS A 184 20.62 -12.14 -1.47
C HIS A 184 20.29 -11.71 -2.91
N PRO A 185 20.89 -12.39 -3.90
CA PRO A 185 20.77 -11.89 -5.29
C PRO A 185 19.33 -11.77 -5.78
N SER A 186 18.44 -12.65 -5.33
CA SER A 186 17.07 -12.65 -5.84
C SER A 186 16.20 -11.59 -5.15
N TYR A 187 16.81 -10.80 -4.28
CA TYR A 187 16.14 -9.67 -3.64
C TYR A 187 16.12 -8.42 -4.53
N ARG A 188 16.80 -8.47 -5.68
CA ARG A 188 17.02 -7.26 -6.47
CA ARG A 188 17.02 -7.26 -6.47
C ARG A 188 15.72 -6.61 -6.93
N HIS A 189 14.69 -7.42 -7.18
CA HIS A 189 13.43 -6.85 -7.64
C HIS A 189 12.76 -6.06 -6.51
N ALA A 190 12.82 -6.60 -5.29
CA ALA A 190 12.33 -5.89 -4.12
C ALA A 190 13.16 -4.63 -3.87
N ALA A 191 14.46 -4.71 -4.12
CA ALA A 191 15.36 -3.58 -3.89
C ALA A 191 14.96 -2.39 -4.77
N ALA A 192 14.64 -2.69 -6.02
CA ALA A 192 14.28 -1.65 -6.98
C ALA A 192 12.99 -0.95 -6.57
N VAL A 193 12.00 -1.74 -6.16
CA VAL A 193 10.72 -1.20 -5.71
C VAL A 193 10.90 -0.33 -4.47
N ARG A 194 11.74 -0.77 -3.55
CA ARG A 194 11.97 0.02 -2.33
C ARG A 194 12.53 1.40 -2.68
N ARG A 195 13.41 1.46 -3.68
CA ARG A 195 13.98 2.74 -4.09
C ARG A 195 12.88 3.62 -4.68
N GLU A 196 12.02 3.00 -5.48
CA GLU A 196 10.99 3.74 -6.21
C GLU A 196 9.98 4.41 -5.28
N ILE A 197 9.52 3.71 -4.24
CA ILE A 197 8.51 4.27 -3.35
C ILE A 197 9.12 5.15 -2.25
N GLY A 198 10.38 4.90 -1.91
CA GLY A 198 11.13 5.79 -1.05
C GLY A 198 10.84 5.70 0.43
N VAL A 199 9.57 5.60 0.78
CA VAL A 199 9.17 5.58 2.19
C VAL A 199 9.62 4.29 2.85
N PRO A 200 9.90 4.35 4.17
CA PRO A 200 10.20 3.10 4.89
C PRO A 200 8.99 2.15 4.90
N THR A 201 9.28 0.85 4.85
CA THR A 201 8.26 -0.18 4.97
C THR A 201 8.76 -1.28 5.90
N VAL A 202 7.96 -2.33 6.03
CA VAL A 202 8.33 -3.50 6.81
C VAL A 202 9.67 -4.07 6.33
N PHE A 203 10.01 -3.84 5.07
CA PHE A 203 11.27 -4.35 4.52
C PHE A 203 12.48 -3.71 5.19
N ASN A 204 12.29 -2.52 5.78
CA ASN A 204 13.36 -1.84 6.50
C ASN A 204 13.71 -2.52 7.82
N LEU A 205 12.86 -3.45 8.24
CA LEU A 205 13.05 -4.17 9.50
C LEU A 205 13.87 -5.45 9.36
N LEU A 206 14.03 -5.93 8.14
CA LEU A 206 14.52 -7.29 7.93
C LEU A 206 16.04 -7.44 7.96
N GLY A 207 16.78 -6.35 7.76
CA GLY A 207 18.23 -6.43 7.64
C GLY A 207 18.91 -7.16 8.78
N PRO A 208 18.61 -6.77 10.02
CA PRO A 208 19.18 -7.47 11.18
C PRO A 208 18.69 -8.91 11.32
N LEU A 209 17.62 -9.26 10.62
CA LEU A 209 17.00 -10.57 10.73
C LEU A 209 17.31 -11.47 9.54
N THR A 210 18.06 -10.97 8.57
CA THR A 210 18.42 -11.74 7.38
C THR A 210 19.94 -11.75 7.14
N ASN A 211 20.70 -11.66 8.22
CA ASN A 211 22.15 -11.83 8.19
C ASN A 211 22.45 -13.27 7.74
N PRO A 212 23.09 -13.44 6.56
CA PRO A 212 23.26 -14.79 6.02
C PRO A 212 24.18 -15.70 6.84
N ALA A 213 25.02 -15.11 7.70
CA ALA A 213 25.87 -15.87 8.61
C ALA A 213 25.11 -16.33 9.86
N ARG A 214 23.89 -15.81 10.02
CA ARG A 214 23.00 -16.16 11.13
C ARG A 214 23.65 -16.15 12.52
N PRO A 215 24.31 -15.05 12.88
CA PRO A 215 24.83 -14.95 14.25
C PRO A 215 23.70 -15.04 15.28
N ARG A 216 23.95 -15.69 16.40
CA ARG A 216 22.92 -15.95 17.40
C ARG A 216 22.83 -14.86 18.48
N ALA A 217 23.69 -13.85 18.39
CA ALA A 217 23.64 -12.76 19.34
C ALA A 217 23.86 -11.43 18.65
N GLY A 218 23.55 -10.34 19.35
CA GLY A 218 23.78 -9.03 18.79
C GLY A 218 23.20 -7.86 19.55
N LEU A 219 23.70 -6.70 19.19
CA LEU A 219 23.14 -5.41 19.59
C LEU A 219 22.40 -4.90 18.37
N ILE A 220 21.08 -4.80 18.46
CA ILE A 220 20.24 -4.45 17.34
C ILE A 220 19.46 -3.17 17.62
N GLY A 221 19.72 -2.13 16.83
CA GLY A 221 19.03 -0.87 17.00
C GLY A 221 17.78 -0.80 16.14
N CYS A 222 16.75 -0.13 16.64
CA CYS A 222 15.50 0.06 15.90
C CYS A 222 14.99 1.48 16.15
N ALA A 223 14.79 2.25 15.09
CA ALA A 223 14.37 3.65 15.22
C ALA A 223 12.89 3.78 15.59
N PHE A 224 12.10 2.77 15.24
CA PHE A 224 10.67 2.77 15.55
C PHE A 224 10.35 1.89 16.76
N ALA A 225 9.99 2.52 17.87
CA ALA A 225 9.77 1.80 19.12
C ALA A 225 8.70 0.71 19.01
N ASP A 226 7.64 1.01 18.27
CA ASP A 226 6.53 0.06 18.12
C ASP A 226 7.01 -1.23 17.46
N LEU A 227 7.94 -1.11 16.51
CA LEU A 227 8.44 -2.27 15.77
C LEU A 227 9.64 -2.93 16.47
N ALA A 228 10.27 -2.21 17.40
CA ALA A 228 11.36 -2.79 18.18
C ALA A 228 10.87 -4.02 18.94
N GLU A 229 9.71 -3.91 19.58
CA GLU A 229 9.16 -5.04 20.31
C GLU A 229 8.84 -6.20 19.36
N VAL A 230 8.43 -5.89 18.15
CA VAL A 230 8.19 -6.91 17.15
C VAL A 230 9.51 -7.60 16.79
N MET A 231 10.54 -6.81 16.53
CA MET A 231 11.84 -7.37 16.19
C MET A 231 12.36 -8.27 17.29
N ALA A 232 12.20 -7.84 18.54
CA ALA A 232 12.61 -8.63 19.69
C ALA A 232 11.87 -9.96 19.70
N GLY A 233 10.60 -9.93 19.30
CA GLY A 233 9.81 -11.14 19.24
C GLY A 233 10.35 -12.13 18.22
N VAL A 234 10.84 -11.61 17.11
CA VAL A 234 11.38 -12.46 16.05
C VAL A 234 12.66 -13.10 16.56
N PHE A 235 13.52 -12.31 17.19
CA PHE A 235 14.75 -12.84 17.76
C PHE A 235 14.47 -13.88 18.85
N ALA A 236 13.44 -13.62 19.66
CA ALA A 236 13.08 -14.54 20.73
C ALA A 236 12.67 -15.90 20.18
N ALA A 237 11.98 -15.88 19.05
CA ALA A 237 11.55 -17.11 18.38
C ALA A 237 12.73 -17.99 17.97
N ARG A 238 13.82 -17.36 17.52
CA ARG A 238 15.05 -18.08 17.18
C ARG A 238 15.94 -18.37 18.37
N ARG A 239 15.51 -17.94 19.55
N ARG A 239 15.51 -17.93 19.55
CA ARG A 239 16.30 -18.08 20.78
CA ARG A 239 16.27 -18.07 20.79
C ARG A 239 17.67 -17.44 20.63
C ARG A 239 17.66 -17.43 20.64
N SER A 240 17.69 -16.24 20.04
CA SER A 240 18.91 -15.44 19.98
C SER A 240 19.11 -14.75 21.31
N SER A 241 20.35 -14.37 21.61
CA SER A 241 20.63 -13.50 22.75
C SER A 241 20.91 -12.11 22.20
N VAL A 242 19.90 -11.24 22.29
CA VAL A 242 19.98 -9.93 21.68
C VAL A 242 19.51 -8.85 22.63
N LEU A 243 20.12 -7.68 22.51
CA LEU A 243 19.56 -6.46 23.05
C LEU A 243 19.01 -5.67 21.88
N VAL A 244 17.69 -5.54 21.82
CA VAL A 244 17.08 -4.67 20.83
C VAL A 244 16.96 -3.31 21.50
N VAL A 245 17.52 -2.29 20.86
CA VAL A 245 17.66 -1.00 21.53
C VAL A 245 17.05 0.14 20.74
N HIS A 246 16.45 1.07 21.48
CA HIS A 246 15.86 2.26 20.91
C HIS A 246 16.10 3.43 21.84
N GLY A 247 16.83 4.42 21.36
CA GLY A 247 17.10 5.62 22.14
C GLY A 247 15.84 6.43 22.28
N ASP A 248 15.57 6.91 23.47
CA ASP A 248 14.35 7.69 23.71
C ASP A 248 14.43 9.05 23.05
N ASP A 249 15.55 9.31 22.36
CA ASP A 249 15.68 10.46 21.48
C ASP A 249 15.48 10.06 20.02
N GLY A 250 15.17 8.78 19.78
CA GLY A 250 14.85 8.28 18.45
C GLY A 250 16.00 7.61 17.71
N LEU A 251 17.15 7.50 18.34
CA LEU A 251 18.31 6.88 17.69
C LEU A 251 18.17 5.36 17.64
N ASP A 252 18.67 4.76 16.56
CA ASP A 252 18.71 3.31 16.43
C ASP A 252 20.02 2.77 16.99
N GLU A 253 20.40 3.32 18.15
CA GLU A 253 21.58 2.91 18.91
C GLU A 253 21.28 3.18 20.37
N LEU A 254 22.10 2.68 21.27
CA LEU A 254 22.08 3.16 22.64
C LEU A 254 22.63 4.58 22.59
N THR A 255 21.83 5.53 23.06
CA THR A 255 22.20 6.93 23.00
C THR A 255 22.85 7.38 24.31
N THR A 256 23.48 8.55 24.27
CA THR A 256 24.04 9.18 25.46
C THR A 256 23.35 10.50 25.76
N THR A 257 22.42 10.89 24.89
CA THR A 257 21.68 12.14 25.03
C THR A 257 20.57 12.03 26.07
N THR A 258 20.06 10.82 26.24
CA THR A 258 18.98 10.58 27.17
C THR A 258 18.93 9.08 27.49
N THR A 259 17.82 8.61 28.03
CA THR A 259 17.68 7.20 28.33
C THR A 259 17.37 6.40 27.06
N SER A 260 17.44 5.08 27.18
CA SER A 260 17.10 4.17 26.08
C SER A 260 16.17 3.09 26.57
N THR A 261 15.31 2.60 25.67
CA THR A 261 14.52 1.41 25.94
C THR A 261 15.28 0.21 25.38
N ILE A 262 15.43 -0.82 26.19
CA ILE A 262 16.06 -2.06 25.76
C ILE A 262 15.07 -3.20 25.90
N TRP A 263 14.84 -3.92 24.81
CA TRP A 263 14.18 -5.21 24.86
C TRP A 263 15.26 -6.27 24.96
N ARG A 264 15.43 -6.81 26.15
CA ARG A 264 16.44 -7.81 26.42
C ARG A 264 15.89 -9.18 26.06
N VAL A 265 16.50 -9.80 25.07
CA VAL A 265 16.08 -11.11 24.58
C VAL A 265 17.07 -12.18 25.00
N ALA A 266 16.60 -13.13 25.81
CA ALA A 266 17.41 -14.26 26.20
C ALA A 266 16.48 -15.37 26.70
N ALA A 267 16.92 -16.61 26.55
CA ALA A 267 16.12 -17.78 26.95
C ALA A 267 14.76 -17.80 26.25
N GLY A 268 14.71 -17.24 25.04
CA GLY A 268 13.47 -17.21 24.28
C GLY A 268 12.43 -16.27 24.87
N SER A 269 12.81 -15.53 25.91
CA SER A 269 11.89 -14.62 26.58
C SER A 269 12.41 -13.18 26.51
N VAL A 270 11.49 -12.22 26.57
CA VAL A 270 11.80 -10.82 26.38
C VAL A 270 11.48 -10.00 27.64
N ASP A 271 12.48 -9.25 28.11
CA ASP A 271 12.32 -8.31 29.21
C ASP A 271 12.50 -6.89 28.67
N LYS A 272 11.56 -6.00 28.97
CA LYS A 272 11.66 -4.61 28.53
C LYS A 272 12.18 -3.72 29.66
N LEU A 273 13.24 -2.96 29.38
CA LEU A 273 13.93 -2.15 30.38
C LEU A 273 14.17 -0.72 29.91
N THR A 274 14.28 0.19 30.88
CA THR A 274 14.76 1.54 30.61
C THR A 274 16.23 1.59 31.01
N PHE A 275 17.04 2.28 30.22
CA PHE A 275 18.49 2.26 30.38
C PHE A 275 19.05 3.67 30.41
N ASP A 276 19.82 3.99 31.44
CA ASP A 276 20.45 5.30 31.56
C ASP A 276 21.97 5.14 31.71
N PRO A 277 22.73 5.58 30.71
CA PRO A 277 24.19 5.45 30.79
C PRO A 277 24.80 6.40 31.81
N ALA A 278 24.00 7.31 32.36
CA ALA A 278 24.47 8.18 33.43
C ALA A 278 24.79 7.34 34.65
N GLY A 279 24.11 6.21 34.78
CA GLY A 279 24.38 5.27 35.85
C GLY A 279 25.75 4.64 35.75
N PHE A 280 26.41 4.81 34.60
CA PHE A 280 27.78 4.33 34.41
C PHE A 280 28.74 5.50 34.26
N GLY A 281 28.27 6.71 34.55
CA GLY A 281 29.13 7.88 34.58
C GLY A 281 29.30 8.60 33.26
N PHE A 282 28.51 8.21 32.26
CA PHE A 282 28.58 8.88 30.96
C PHE A 282 27.88 10.23 31.02
N ALA A 283 28.56 11.26 30.54
CA ALA A 283 27.99 12.60 30.50
C ALA A 283 26.95 12.69 29.39
N ARG A 284 25.95 13.54 29.59
CA ARG A 284 24.93 13.76 28.58
C ARG A 284 25.52 14.51 27.39
N ALA A 285 25.25 14.01 26.19
CA ALA A 285 25.65 14.67 24.95
C ALA A 285 24.41 15.22 24.27
N GLN A 286 24.61 15.98 23.20
CA GLN A 286 23.50 16.48 22.37
C GLN A 286 23.46 15.67 21.09
N LEU A 287 22.26 15.53 20.52
CA LEU A 287 22.05 14.71 19.32
C LEU A 287 22.96 15.13 18.17
N ASP A 288 23.25 16.43 18.08
CA ASP A 288 24.05 16.96 16.97
C ASP A 288 25.49 16.46 17.02
N GLN A 289 25.96 16.06 18.21
CA GLN A 289 27.34 15.66 18.40
C GLN A 289 27.61 14.28 17.81
N LEU A 290 26.55 13.46 17.73
CA LEU A 290 26.66 12.12 17.18
C LEU A 290 26.38 12.12 15.69
N GLY A 293 27.25 11.96 8.94
CA GLY A 293 27.90 12.50 7.77
C GLY A 293 28.02 11.48 6.66
N ASP A 294 28.71 11.86 5.58
CA ASP A 294 28.91 10.95 4.45
C ASP A 294 29.97 9.91 4.80
N ALA A 295 30.17 8.97 3.88
CA ALA A 295 31.08 7.85 4.12
C ALA A 295 32.52 8.34 4.32
N GLN A 296 32.88 9.43 3.65
CA GLN A 296 34.22 9.99 3.77
C GLN A 296 34.45 10.59 5.16
N ALA A 297 33.42 11.26 5.68
CA ALA A 297 33.51 11.88 6.99
C ALA A 297 33.45 10.82 8.10
N ASN A 298 32.58 9.83 7.92
CA ASN A 298 32.47 8.73 8.86
C ASN A 298 33.82 8.03 9.05
N ALA A 299 34.51 7.76 7.95
CA ALA A 299 35.83 7.14 8.02
C ALA A 299 36.77 7.94 8.88
N ALA A 300 36.76 9.27 8.70
CA ALA A 300 37.61 10.14 9.49
C ALA A 300 37.26 10.02 10.97
N ALA A 301 35.97 9.92 11.25
CA ALA A 301 35.49 9.79 12.63
C ALA A 301 35.92 8.45 13.21
N VAL A 302 35.85 7.40 12.39
CA VAL A 302 36.32 6.08 12.79
C VAL A 302 37.79 6.15 13.19
N ARG A 303 38.62 6.73 12.33
CA ARG A 303 40.04 6.83 12.60
C ARG A 303 40.31 7.61 13.89
N ALA A 304 39.52 8.67 14.11
CA ALA A 304 39.69 9.50 15.30
C ALA A 304 39.42 8.73 16.58
N VAL A 305 38.28 8.05 16.63
CA VAL A 305 37.90 7.27 17.81
C VAL A 305 38.89 6.13 18.05
N LEU A 306 39.16 5.33 17.02
CA LEU A 306 40.06 4.19 17.19
C LEU A 306 41.47 4.67 17.53
N GLY A 307 41.77 5.92 17.19
CA GLY A 307 43.04 6.54 17.52
C GLY A 307 43.09 7.09 18.94
N GLY A 308 41.95 7.07 19.63
CA GLY A 308 41.90 7.41 21.04
C GLY A 308 41.28 8.76 21.38
N ALA A 309 40.71 9.43 20.38
CA ALA A 309 40.07 10.73 20.61
C ALA A 309 38.93 10.57 21.61
N ARG A 310 38.94 11.40 22.66
CA ARG A 310 37.88 11.38 23.66
C ARG A 310 36.73 12.30 23.24
N GLY A 311 35.55 12.04 23.77
CA GLY A 311 34.37 12.82 23.45
C GLY A 311 33.10 12.00 23.40
N PRO A 312 31.98 12.64 23.00
CA PRO A 312 30.67 11.99 22.96
C PRO A 312 30.62 10.79 22.00
N VAL A 313 31.28 10.92 20.85
CA VAL A 313 31.27 9.84 19.86
C VAL A 313 31.93 8.57 20.43
N ARG A 314 33.10 8.74 21.06
CA ARG A 314 33.78 7.61 21.70
C ARG A 314 32.88 6.97 22.74
N ASP A 315 32.29 7.79 23.60
CA ASP A 315 31.41 7.29 24.65
C ASP A 315 30.29 6.44 24.07
N ALA A 316 29.68 6.91 23.01
CA ALA A 316 28.58 6.19 22.37
C ALA A 316 29.07 4.86 21.82
N VAL A 317 30.24 4.87 21.20
CA VAL A 317 30.84 3.64 20.67
C VAL A 317 31.09 2.63 21.79
N VAL A 318 31.72 3.08 22.87
CA VAL A 318 32.02 2.22 24.02
C VAL A 318 30.74 1.61 24.58
N LEU A 319 29.71 2.44 24.72
CA LEU A 319 28.43 2.00 25.27
C LEU A 319 27.77 0.93 24.40
N ASN A 320 27.79 1.14 23.09
CA ASN A 320 27.15 0.19 22.17
C ASN A 320 27.99 -1.07 21.99
N ALA A 321 29.31 -0.91 22.01
CA ALA A 321 30.20 -2.06 21.98
C ALA A 321 29.95 -2.94 23.21
N ALA A 322 29.88 -2.30 24.37
CA ALA A 322 29.57 -2.98 25.63
C ALA A 322 28.24 -3.75 25.53
N GLY A 323 27.24 -3.11 24.96
CA GLY A 323 25.94 -3.74 24.81
C GLY A 323 26.01 -5.04 24.04
N ALA A 324 26.77 -5.04 22.95
CA ALA A 324 26.95 -6.25 22.16
C ALA A 324 27.70 -7.32 22.95
N ILE A 325 28.61 -6.90 23.82
CA ILE A 325 29.35 -7.82 24.66
C ILE A 325 28.40 -8.41 25.72
N VAL A 326 27.51 -7.58 26.24
CA VAL A 326 26.48 -8.07 27.16
C VAL A 326 25.56 -9.08 26.47
N ALA A 327 25.17 -8.79 25.23
CA ALA A 327 24.36 -9.72 24.46
C ALA A 327 25.11 -11.04 24.27
N HIS A 328 26.40 -10.92 23.97
CA HIS A 328 27.26 -12.09 23.80
C HIS A 328 27.27 -12.95 25.07
N ALA A 329 27.44 -12.31 26.22
CA ALA A 329 27.48 -13.03 27.49
C ALA A 329 26.18 -13.79 27.74
N GLY A 330 25.08 -13.23 27.28
CA GLY A 330 23.76 -13.82 27.48
C GLY A 330 23.52 -15.13 26.74
N LEU A 331 24.41 -15.46 25.80
CA LEU A 331 24.34 -16.76 25.14
C LEU A 331 24.50 -17.87 26.18
N SER A 332 25.31 -17.59 27.19
CA SER A 332 25.57 -18.52 28.28
C SER A 332 25.22 -17.90 29.63
N GLU A 336 24.36 -11.73 35.14
CA GLU A 336 23.93 -10.62 35.98
C GLU A 336 24.09 -9.30 35.23
N TRP A 337 23.01 -8.52 35.20
CA TRP A 337 22.89 -7.34 34.33
C TRP A 337 23.98 -6.29 34.53
N LEU A 338 24.14 -5.81 35.76
CA LEU A 338 25.10 -4.74 36.01
C LEU A 338 26.55 -5.21 35.94
N PRO A 339 26.87 -6.37 36.54
CA PRO A 339 28.24 -6.88 36.37
C PRO A 339 28.61 -7.05 34.90
N ALA A 340 27.67 -7.56 34.11
CA ALA A 340 27.92 -7.80 32.68
C ALA A 340 28.26 -6.50 31.98
N TRP A 341 27.49 -5.44 32.26
CA TRP A 341 27.74 -4.14 31.66
C TRP A 341 29.09 -3.58 32.07
N GLU A 342 29.39 -3.66 33.36
CA GLU A 342 30.65 -3.13 33.87
C GLU A 342 31.83 -3.80 33.17
N GLU A 343 31.75 -5.11 32.98
CA GLU A 343 32.80 -5.85 32.27
C GLU A 343 32.80 -5.46 30.79
N GLY A 344 31.63 -5.37 30.19
CA GLY A 344 31.52 -4.97 28.80
C GLY A 344 32.16 -3.61 28.55
N LEU A 345 31.95 -2.68 29.47
CA LEU A 345 32.50 -1.34 29.33
C LEU A 345 34.02 -1.34 29.49
N ARG A 346 34.53 -2.15 30.41
CA ARG A 346 35.98 -2.29 30.60
C ARG A 346 36.62 -2.88 29.35
N ARG A 347 35.99 -3.89 28.77
CA ARG A 347 36.54 -4.59 27.62
C ARG A 347 36.54 -3.69 26.37
N ALA A 348 35.46 -2.92 26.20
CA ALA A 348 35.35 -2.01 25.07
C ALA A 348 36.38 -0.89 25.16
N SER A 349 36.47 -0.27 26.32
CA SER A 349 37.44 0.81 26.55
C SER A 349 38.87 0.33 26.33
N ALA A 350 39.16 -0.85 26.87
CA ALA A 350 40.50 -1.41 26.73
C ALA A 350 40.81 -1.76 25.28
N ALA A 351 39.82 -2.28 24.54
CA ALA A 351 40.04 -2.60 23.13
C ALA A 351 40.46 -1.35 22.36
N ILE A 352 39.90 -0.19 22.69
CA ILE A 352 40.32 1.03 22.04
C ILE A 352 41.69 1.44 22.57
N ASP A 353 41.80 1.54 23.89
CA ASP A 353 42.95 2.18 24.51
C ASP A 353 44.28 1.44 24.30
N THR A 354 44.22 0.12 24.16
CA THR A 354 45.42 -0.66 23.89
C THR A 354 45.86 -0.52 22.43
N GLY A 355 44.97 0.00 21.59
CA GLY A 355 45.21 0.07 20.16
C GLY A 355 44.71 -1.17 19.43
N ALA A 356 44.14 -2.12 20.15
CA ALA A 356 43.71 -3.38 19.55
C ALA A 356 42.67 -3.13 18.44
N ALA A 357 41.75 -2.19 18.69
CA ALA A 357 40.70 -1.90 17.72
C ALA A 357 41.29 -1.32 16.46
N GLU A 358 42.18 -0.35 16.62
CA GLU A 358 42.85 0.29 15.51
C GLU A 358 43.67 -0.73 14.73
N GLN A 359 44.38 -1.61 15.43
CA GLN A 359 45.15 -2.66 14.78
C GLN A 359 44.25 -3.62 13.99
N LEU A 360 43.12 -3.98 14.58
CA LEU A 360 42.21 -4.92 13.93
C LEU A 360 41.72 -4.35 12.60
N LEU A 361 41.40 -3.06 12.57
CA LEU A 361 40.98 -2.44 11.32
C LEU A 361 42.11 -2.51 10.28
N ALA A 362 43.33 -2.16 10.71
CA ALA A 362 44.48 -2.24 9.82
C ALA A 362 44.64 -3.64 9.25
N ARG A 363 44.48 -4.64 10.11
CA ARG A 363 44.56 -6.03 9.70
C ARG A 363 43.41 -6.44 8.79
N TRP A 364 42.24 -5.86 9.02
CA TRP A 364 41.07 -6.11 8.17
C TRP A 364 41.34 -5.58 6.76
N VAL A 365 41.90 -4.39 6.69
CA VAL A 365 42.27 -3.77 5.41
C VAL A 365 43.34 -4.60 4.70
N ARG A 366 44.32 -5.04 5.48
CA ARG A 366 45.41 -5.87 4.98
C ARG A 366 44.88 -7.18 4.38
N PHE A 367 43.85 -7.74 5.02
CA PHE A 367 43.31 -9.03 4.59
C PHE A 367 42.77 -8.96 3.17
N GLY A 368 42.06 -7.90 2.87
CA GLY A 368 41.46 -7.73 1.56
C GLY A 368 42.48 -7.61 0.45
N ARG A 369 43.69 -7.19 0.81
CA ARG A 369 44.75 -6.97 -0.17
C ARG A 369 45.67 -8.17 -0.32
N GLN A 370 45.43 -9.20 0.49
CA GLN A 370 46.27 -10.41 0.48
C GLN A 370 45.46 -11.64 0.05
N PRO B 26 6.42 19.17 -3.76
CA PRO B 26 5.79 17.86 -3.47
C PRO B 26 6.60 16.71 -4.04
N SER B 27 6.48 15.53 -3.42
CA SER B 27 7.21 14.35 -3.88
C SER B 27 6.49 13.09 -3.45
N TRP B 28 6.85 11.96 -4.06
CA TRP B 28 6.23 10.69 -3.71
C TRP B 28 6.61 10.27 -2.29
N PRO B 29 7.90 10.38 -1.91
CA PRO B 29 8.22 10.06 -0.51
C PRO B 29 7.42 10.88 0.49
N GLN B 30 7.19 12.15 0.19
CA GLN B 30 6.42 13.03 1.06
C GLN B 30 4.98 12.54 1.18
N ILE B 31 4.35 12.34 0.03
CA ILE B 31 2.94 11.97 0.01
C ILE B 31 2.71 10.57 0.53
N LEU B 32 3.51 9.61 0.08
CA LEU B 32 3.41 8.23 0.55
C LEU B 32 3.73 8.14 2.05
N GLY B 33 4.66 8.96 2.50
CA GLY B 33 5.02 8.98 3.91
C GLY B 33 3.87 9.47 4.77
N ARG B 34 3.20 10.53 4.31
CA ARG B 34 2.08 11.09 5.04
C ARG B 34 0.94 10.07 5.15
N LEU B 35 0.67 9.37 4.06
CA LEU B 35 -0.39 8.37 4.05
C LEU B 35 -0.07 7.18 4.96
N THR B 36 1.16 6.70 4.89
CA THR B 36 1.56 5.55 5.72
C THR B 36 1.57 5.94 7.19
N ASP B 37 1.67 7.24 7.46
N ASP B 37 1.69 7.24 7.47
CA ASP B 37 1.55 7.75 8.82
CA ASP B 37 1.55 7.74 8.83
C ASP B 37 0.09 7.94 9.20
C ASP B 37 0.08 7.91 9.23
N ASN B 38 -0.82 7.46 8.35
CA ASN B 38 -2.25 7.53 8.61
C ASN B 38 -2.76 8.96 8.77
N ARG B 39 -2.16 9.89 8.01
CA ARG B 39 -2.61 11.28 7.97
C ARG B 39 -3.37 11.61 6.69
N ASP B 40 -4.41 12.44 6.80
CA ASP B 40 -5.02 13.03 5.61
C ASP B 40 -3.99 13.89 4.90
N LEU B 41 -4.11 13.99 3.58
CA LEU B 41 -3.20 14.82 2.79
C LEU B 41 -3.56 16.30 2.93
N ALA B 42 -2.58 17.16 2.66
CA ALA B 42 -2.82 18.59 2.56
C ALA B 42 -3.55 18.90 1.25
N ARG B 43 -4.30 20.00 1.22
CA ARG B 43 -4.95 20.45 -0.02
C ARG B 43 -3.97 20.45 -1.17
N GLY B 44 -4.37 19.90 -2.30
CA GLY B 44 -3.54 19.87 -3.49
C GLY B 44 -2.67 18.64 -3.66
N GLN B 45 -2.36 17.93 -2.58
CA GLN B 45 -1.42 16.81 -2.67
C GLN B 45 -1.97 15.62 -3.46
N ALA B 46 -3.21 15.24 -3.21
CA ALA B 46 -3.86 14.18 -3.96
C ALA B 46 -3.88 14.54 -5.46
N ALA B 47 -4.18 15.81 -5.73
CA ALA B 47 -4.20 16.31 -7.10
C ALA B 47 -2.83 16.19 -7.75
N TRP B 48 -1.79 16.62 -7.05
CA TRP B 48 -0.43 16.50 -7.55
C TRP B 48 -0.11 15.05 -7.91
N ALA B 49 -0.45 14.13 -7.01
CA ALA B 49 -0.21 12.70 -7.22
C ALA B 49 -0.91 12.19 -8.47
N MET B 50 -2.21 12.48 -8.57
CA MET B 50 -2.98 12.02 -9.72
C MET B 50 -2.44 12.62 -11.02
N ASP B 51 -2.01 13.88 -10.98
CA ASP B 51 -1.45 14.49 -12.17
C ASP B 51 -0.13 13.82 -12.58
N GLN B 52 0.71 13.44 -11.61
CA GLN B 52 1.91 12.65 -11.93
C GLN B 52 1.54 11.35 -12.62
N ILE B 53 0.53 10.69 -12.09
CA ILE B 53 0.10 9.40 -12.60
C ILE B 53 -0.39 9.48 -14.04
N MET B 54 -1.02 10.60 -14.39
CA MET B 54 -1.63 10.75 -15.71
C MET B 54 -0.74 11.43 -16.74
N THR B 55 0.36 12.04 -16.29
CA THR B 55 1.31 12.63 -17.22
C THR B 55 2.46 11.64 -17.45
N GLY B 56 2.23 10.37 -17.09
CA GLY B 56 3.19 9.31 -17.28
C GLY B 56 4.43 9.42 -16.40
N ASN B 57 4.36 10.23 -15.35
CA ASN B 57 5.49 10.50 -14.48
C ASN B 57 5.58 9.63 -13.24
N ALA B 58 4.73 8.63 -13.17
CA ALA B 58 4.69 7.76 -12.00
C ALA B 58 5.09 6.34 -12.37
N ARG B 59 5.97 5.74 -11.56
CA ARG B 59 6.32 4.33 -11.72
C ARG B 59 5.14 3.47 -11.26
N PRO B 60 4.98 2.28 -11.87
CA PRO B 60 3.90 1.40 -11.39
C PRO B 60 3.94 1.18 -9.88
N ALA B 61 5.13 1.09 -9.31
CA ALA B 61 5.28 0.86 -7.87
C ALA B 61 4.74 2.05 -7.08
N GLN B 62 4.95 3.25 -7.60
CA GLN B 62 4.48 4.46 -6.94
C GLN B 62 2.96 4.54 -7.03
N ILE B 63 2.43 4.22 -8.20
CA ILE B 63 0.98 4.20 -8.39
C ILE B 63 0.34 3.22 -7.42
N ALA B 64 0.88 2.01 -7.35
CA ALA B 64 0.32 0.98 -6.48
C ALA B 64 0.40 1.37 -5.00
N ALA B 65 1.56 1.88 -4.59
CA ALA B 65 1.74 2.32 -3.22
C ALA B 65 0.72 3.38 -2.86
N PHE B 66 0.48 4.30 -3.78
CA PHE B 66 -0.46 5.40 -3.55
C PHE B 66 -1.89 4.90 -3.42
N ALA B 67 -2.31 4.07 -4.37
CA ALA B 67 -3.65 3.49 -4.36
C ALA B 67 -3.91 2.76 -3.04
N VAL B 68 -3.00 1.89 -2.66
CA VAL B 68 -3.14 1.10 -1.43
C VAL B 68 -3.07 1.98 -0.19
N ALA B 69 -2.09 2.87 -0.11
CA ALA B 69 -1.94 3.70 1.07
C ALA B 69 -3.17 4.60 1.31
N MET B 70 -3.69 5.19 0.25
CA MET B 70 -4.87 6.04 0.39
C MET B 70 -6.04 5.22 0.90
N THR B 71 -6.19 4.02 0.37
CA THR B 71 -7.27 3.13 0.76
C THR B 71 -7.19 2.79 2.25
N MET B 72 -6.00 2.37 2.71
CA MET B 72 -5.89 1.93 4.10
C MET B 72 -5.93 3.09 5.08
N LYS B 73 -5.50 4.28 4.65
CA LYS B 73 -5.59 5.47 5.49
C LYS B 73 -7.06 5.85 5.73
N ALA B 74 -7.90 5.56 4.73
CA ALA B 74 -9.32 5.93 4.64
C ALA B 74 -9.46 7.26 3.91
N PRO B 75 -9.80 7.23 2.61
CA PRO B 75 -9.86 8.48 1.84
C PRO B 75 -10.98 9.42 2.27
N THR B 76 -10.70 10.71 2.16
CA THR B 76 -11.71 11.75 2.40
C THR B 76 -12.35 12.12 1.07
N ALA B 77 -13.50 12.78 1.13
CA ALA B 77 -14.17 13.24 -0.07
C ALA B 77 -13.32 14.30 -0.76
N ASP B 78 -12.69 15.18 0.02
CA ASP B 78 -11.77 16.17 -0.54
C ASP B 78 -10.73 15.50 -1.39
N GLU B 79 -10.10 14.46 -0.85
CA GLU B 79 -9.05 13.73 -1.56
C GLU B 79 -9.57 13.06 -2.83
N VAL B 80 -10.67 12.31 -2.73
CA VAL B 80 -11.21 11.64 -3.91
C VAL B 80 -11.65 12.69 -4.95
N GLY B 81 -12.22 13.79 -4.47
CA GLY B 81 -12.59 14.90 -5.32
C GLY B 81 -11.42 15.41 -6.14
N GLU B 82 -10.26 15.56 -5.48
CA GLU B 82 -9.05 16.02 -6.18
C GLU B 82 -8.62 15.02 -7.25
N LEU B 83 -8.67 13.74 -6.93
CA LEU B 83 -8.33 12.71 -7.89
C LEU B 83 -9.21 12.80 -9.13
N ALA B 84 -10.52 12.79 -8.91
CA ALA B 84 -11.48 12.84 -10.01
C ALA B 84 -11.34 14.16 -10.78
N GLY B 85 -11.08 15.24 -10.07
CA GLY B 85 -10.90 16.54 -10.69
C GLY B 85 -9.75 16.57 -11.68
N VAL B 86 -8.64 15.94 -11.31
CA VAL B 86 -7.48 15.90 -12.18
C VAL B 86 -7.81 15.08 -13.43
N MET B 87 -8.45 13.94 -13.24
CA MET B 87 -8.81 13.09 -14.36
C MET B 87 -9.68 13.86 -15.35
N LEU B 88 -10.69 14.55 -14.85
CA LEU B 88 -11.59 15.28 -15.73
C LEU B 88 -10.87 16.46 -16.40
N SER B 89 -9.86 17.02 -15.72
CA SER B 89 -9.11 18.13 -16.32
C SER B 89 -8.28 17.65 -17.51
N HIS B 90 -7.97 16.36 -17.55
CA HIS B 90 -7.17 15.78 -18.64
C HIS B 90 -8.02 15.10 -19.70
N ALA B 91 -9.30 14.89 -19.40
CA ALA B 91 -10.17 14.10 -20.27
C ALA B 91 -10.55 14.87 -21.53
N HIS B 92 -10.85 14.12 -22.59
CA HIS B 92 -11.48 14.69 -23.78
C HIS B 92 -12.92 15.05 -23.43
N PRO B 93 -13.31 16.32 -23.63
CA PRO B 93 -14.70 16.71 -23.36
C PRO B 93 -15.63 16.36 -24.50
N LEU B 94 -16.93 16.39 -24.24
CA LEU B 94 -17.88 16.41 -25.33
C LEU B 94 -17.94 17.84 -25.83
N PRO B 95 -18.30 18.03 -27.10
CA PRO B 95 -18.38 19.39 -27.66
C PRO B 95 -19.33 20.29 -26.86
N ALA B 96 -19.15 21.60 -26.99
CA ALA B 96 -19.93 22.57 -26.22
C ALA B 96 -21.42 22.49 -26.55
N ASP B 97 -22.24 22.57 -25.49
CA ASP B 97 -23.70 22.60 -25.63
C ASP B 97 -24.28 21.34 -26.28
N THR B 98 -23.64 20.19 -26.06
CA THR B 98 -24.13 18.94 -26.65
C THR B 98 -24.66 17.98 -25.59
N VAL B 99 -24.43 18.28 -24.32
CA VAL B 99 -24.95 17.48 -23.23
C VAL B 99 -26.07 18.26 -22.56
N PRO B 100 -27.31 17.74 -22.60
CA PRO B 100 -28.41 18.43 -21.91
C PRO B 100 -28.09 18.68 -20.43
N ASP B 101 -28.58 19.80 -19.91
CA ASP B 101 -28.35 20.16 -18.51
C ASP B 101 -28.83 19.08 -17.54
N ASP B 102 -29.78 18.26 -17.98
CA ASP B 102 -30.42 17.29 -17.10
C ASP B 102 -30.10 15.84 -17.44
N ALA B 103 -28.98 15.60 -18.13
CA ALA B 103 -28.57 14.24 -18.45
C ALA B 103 -28.18 13.47 -17.18
N VAL B 104 -28.35 12.15 -17.22
CA VAL B 104 -28.05 11.31 -16.06
C VAL B 104 -27.12 10.17 -16.41
N ASP B 105 -26.47 9.65 -15.37
CA ASP B 105 -25.69 8.43 -15.46
C ASP B 105 -26.45 7.37 -14.70
N VAL B 106 -26.23 6.12 -15.10
CA VAL B 106 -26.71 4.95 -14.38
C VAL B 106 -25.57 3.94 -14.39
N VAL B 107 -24.91 3.77 -13.26
CA VAL B 107 -23.72 2.94 -13.25
C VAL B 107 -23.31 2.56 -11.84
N GLY B 108 -22.53 1.49 -11.72
CA GLY B 108 -21.99 1.07 -10.44
C GLY B 108 -20.47 0.98 -10.46
N THR B 109 -19.88 0.89 -9.27
CA THR B 109 -18.44 0.69 -9.15
C THR B 109 -18.05 -0.71 -9.61
N GLY B 110 -19.00 -1.63 -9.60
CA GLY B 110 -18.74 -3.01 -9.96
C GLY B 110 -17.97 -3.75 -8.87
N VAL B 117 -23.58 -5.42 -14.28
CA VAL B 117 -23.69 -4.48 -15.38
C VAL B 117 -24.97 -4.74 -16.18
N ASN B 118 -25.54 -5.94 -16.01
CA ASN B 118 -26.76 -6.30 -16.70
C ASN B 118 -27.90 -5.36 -16.29
N LEU B 119 -28.04 -5.13 -14.99
CA LEU B 119 -29.12 -4.29 -14.50
C LEU B 119 -28.96 -2.84 -14.92
N SER B 120 -27.75 -2.28 -14.81
CA SER B 120 -27.54 -0.87 -15.15
C SER B 120 -27.71 -0.58 -16.64
N THR B 121 -27.34 -1.53 -17.49
CA THR B 121 -27.48 -1.35 -18.93
C THR B 121 -28.96 -1.23 -19.28
N MET B 122 -29.75 -2.17 -18.77
CA MET B 122 -31.19 -2.17 -18.97
C MET B 122 -31.83 -0.92 -18.39
N ALA B 123 -31.45 -0.58 -17.16
CA ALA B 123 -32.05 0.58 -16.52
C ALA B 123 -31.78 1.84 -17.33
N ALA B 124 -30.56 1.97 -17.84
CA ALA B 124 -30.17 3.12 -18.64
C ALA B 124 -31.04 3.26 -19.88
N ILE B 125 -31.28 2.15 -20.56
CA ILE B 125 -32.10 2.17 -21.76
C ILE B 125 -33.51 2.61 -21.40
N VAL B 126 -34.04 2.04 -20.32
CA VAL B 126 -35.39 2.36 -19.87
C VAL B 126 -35.52 3.83 -19.46
N VAL B 127 -34.53 4.36 -18.75
CA VAL B 127 -34.52 5.76 -18.37
C VAL B 127 -34.52 6.68 -19.60
N ALA B 128 -33.66 6.37 -20.57
CA ALA B 128 -33.57 7.13 -21.80
C ALA B 128 -34.90 7.09 -22.54
N ALA B 129 -35.54 5.92 -22.49
CA ALA B 129 -36.79 5.71 -23.21
C ALA B 129 -37.92 6.51 -22.56
N ALA B 130 -37.77 6.81 -21.27
CA ALA B 130 -38.75 7.61 -20.55
C ALA B 130 -38.59 9.11 -20.83
N GLY B 131 -37.54 9.48 -21.56
CA GLY B 131 -37.35 10.87 -21.96
C GLY B 131 -36.22 11.57 -21.22
N VAL B 132 -35.53 10.85 -20.34
CA VAL B 132 -34.41 11.42 -19.60
C VAL B 132 -33.09 11.10 -20.31
N PRO B 133 -32.37 12.14 -20.78
CA PRO B 133 -31.13 11.83 -21.50
C PRO B 133 -30.15 11.08 -20.61
N VAL B 134 -29.53 10.03 -21.15
CA VAL B 134 -28.56 9.21 -20.41
C VAL B 134 -27.23 9.22 -21.13
N VAL B 135 -26.16 9.49 -20.40
CA VAL B 135 -24.84 9.34 -20.97
C VAL B 135 -24.05 8.47 -20.00
N LYS B 136 -23.69 7.29 -20.47
CA LYS B 136 -22.98 6.32 -19.66
C LYS B 136 -21.49 6.40 -19.95
N HIS B 137 -20.71 5.69 -19.13
CA HIS B 137 -19.27 5.76 -19.18
C HIS B 137 -18.73 4.42 -18.72
N GLY B 138 -17.93 3.76 -19.56
CA GLY B 138 -17.44 2.44 -19.21
C GLY B 138 -16.35 1.88 -20.11
N ASN B 139 -16.00 0.63 -19.82
CA ASN B 139 -14.96 -0.07 -20.55
C ASN B 139 -15.31 -1.55 -20.68
N ARG B 140 -14.55 -2.28 -21.48
CA ARG B 140 -14.66 -3.73 -21.54
C ARG B 140 -14.07 -4.36 -20.28
N ALA B 141 -14.33 -5.64 -20.08
CA ALA B 141 -13.83 -6.38 -18.94
C ALA B 141 -12.84 -7.46 -19.38
N ALA B 149 -19.72 -2.25 -21.29
CA ALA B 149 -19.36 -2.05 -22.69
C ALA B 149 -19.51 -3.34 -23.49
N ASP B 150 -19.13 -4.46 -22.86
CA ASP B 150 -19.22 -5.77 -23.48
C ASP B 150 -20.66 -6.14 -23.77
N THR B 151 -21.55 -5.82 -22.83
CA THR B 151 -22.98 -6.12 -22.99
C THR B 151 -23.55 -5.38 -24.19
N LEU B 152 -23.21 -4.10 -24.29
CA LEU B 152 -23.69 -3.25 -25.37
C LEU B 152 -23.22 -3.75 -26.73
N GLU B 153 -21.96 -4.20 -26.82
CA GLU B 153 -21.44 -4.73 -28.07
C GLU B 153 -22.21 -5.97 -28.49
N ALA B 154 -22.48 -6.85 -27.52
CA ALA B 154 -23.23 -8.06 -27.77
C ALA B 154 -24.64 -7.73 -28.28
N LEU B 155 -25.13 -6.54 -27.94
CA LEU B 155 -26.45 -6.10 -28.37
C LEU B 155 -26.41 -5.42 -29.73
N GLY B 156 -25.21 -5.19 -30.24
CA GLY B 156 -25.03 -4.58 -31.55
C GLY B 156 -24.74 -3.09 -31.47
N VAL B 157 -24.58 -2.58 -30.26
CA VAL B 157 -24.28 -1.17 -30.06
C VAL B 157 -22.80 -0.89 -30.30
N ARG B 158 -22.51 0.22 -30.97
CA ARG B 158 -21.14 0.65 -31.22
C ARG B 158 -20.64 1.48 -30.05
N ILE B 159 -19.68 0.93 -29.29
CA ILE B 159 -19.25 1.56 -28.05
C ILE B 159 -18.10 2.55 -28.22
N ASP B 160 -17.25 2.34 -29.21
CA ASP B 160 -16.04 3.15 -29.37
C ASP B 160 -16.25 4.35 -30.30
N LEU B 161 -17.05 5.31 -29.84
CA LEU B 161 -17.30 6.54 -30.61
C LEU B 161 -16.55 7.71 -30.01
N GLY B 162 -16.25 8.70 -30.84
CA GLY B 162 -15.59 9.91 -30.38
C GLY B 162 -16.59 10.91 -29.88
N PRO B 163 -16.11 12.03 -29.30
CA PRO B 163 -16.94 13.06 -28.69
C PRO B 163 -18.08 13.57 -29.57
N ASP B 164 -17.80 13.80 -30.86
CA ASP B 164 -18.81 14.34 -31.76
CA ASP B 164 -18.81 14.35 -31.77
C ASP B 164 -19.91 13.33 -32.05
N LEU B 165 -19.56 12.05 -32.07
CA LEU B 165 -20.54 11.03 -32.39
C LEU B 165 -21.34 10.63 -31.16
N VAL B 166 -20.73 10.71 -29.98
CA VAL B 166 -21.46 10.50 -28.75
C VAL B 166 -22.51 11.60 -28.61
N ALA B 167 -22.14 12.82 -28.97
CA ALA B 167 -23.04 13.96 -28.91
C ALA B 167 -24.25 13.75 -29.82
N ARG B 168 -23.99 13.24 -31.03
CA ARG B 168 -25.03 12.98 -32.01
C ARG B 168 -25.95 11.86 -31.53
N SER B 169 -25.36 10.81 -30.95
CA SER B 169 -26.13 9.70 -30.40
C SER B 169 -27.07 10.22 -29.31
N LEU B 170 -26.54 11.07 -28.45
CA LEU B 170 -27.31 11.61 -27.35
C LEU B 170 -28.50 12.45 -27.84
N ALA B 171 -28.28 13.21 -28.90
CA ALA B 171 -29.31 14.07 -29.45
C ALA B 171 -30.36 13.26 -30.22
N GLU B 172 -29.90 12.30 -31.02
CA GLU B 172 -30.77 11.63 -31.98
C GLU B 172 -31.43 10.37 -31.42
N VAL B 173 -30.77 9.72 -30.47
CA VAL B 173 -31.27 8.48 -29.86
C VAL B 173 -31.77 8.71 -28.45
N GLY B 174 -31.12 9.63 -27.73
CA GLY B 174 -31.50 9.94 -26.35
C GLY B 174 -30.57 9.30 -25.35
N ILE B 175 -29.54 8.62 -25.84
CA ILE B 175 -28.56 7.97 -24.97
C ILE B 175 -27.20 7.96 -25.65
N GLY B 176 -26.15 8.03 -24.85
CA GLY B 176 -24.79 7.93 -25.37
C GLY B 176 -23.91 7.13 -24.44
N PHE B 177 -22.82 6.60 -24.99
CA PHE B 177 -21.86 5.84 -24.21
C PHE B 177 -20.44 6.34 -24.50
N CYS B 178 -19.75 6.79 -23.45
CA CYS B 178 -18.38 7.25 -23.53
C CYS B 178 -17.44 6.09 -23.20
N PHE B 179 -16.68 5.64 -24.20
CA PHE B 179 -15.75 4.54 -24.00
C PHE B 179 -14.55 5.07 -23.23
N ALA B 180 -14.34 4.53 -22.04
CA ALA B 180 -13.43 5.16 -21.08
C ALA B 180 -11.99 5.27 -21.60
N PRO B 181 -11.46 4.22 -22.23
CA PRO B 181 -10.12 4.36 -22.80
C PRO B 181 -10.00 5.51 -23.81
N ARG B 182 -11.06 5.75 -24.56
CA ARG B 182 -11.02 6.78 -25.60
C ARG B 182 -11.04 8.21 -25.05
N PHE B 183 -11.69 8.40 -23.90
CA PHE B 183 -11.84 9.74 -23.32
C PHE B 183 -10.81 10.02 -22.21
N HIS B 184 -10.20 8.96 -21.70
CA HIS B 184 -9.23 9.06 -20.62
C HIS B 184 -7.91 8.37 -20.99
N PRO B 185 -7.33 8.72 -22.15
CA PRO B 185 -6.15 8.00 -22.63
C PRO B 185 -5.00 7.99 -21.62
N SER B 186 -4.86 9.08 -20.87
CA SER B 186 -3.77 9.25 -19.93
C SER B 186 -3.90 8.40 -18.66
N TYR B 187 -5.06 7.78 -18.47
CA TYR B 187 -5.29 6.97 -17.28
C TYR B 187 -4.80 5.53 -17.45
N ARG B 188 -4.24 5.22 -18.63
CA ARG B 188 -3.90 3.85 -18.96
C ARG B 188 -2.88 3.23 -18.00
N HIS B 189 -1.95 4.04 -17.54
CA HIS B 189 -0.94 3.56 -16.60
C HIS B 189 -1.62 3.16 -15.30
N ALA B 190 -2.51 4.03 -14.80
CA ALA B 190 -3.26 3.73 -13.59
C ALA B 190 -4.12 2.49 -13.77
N ALA B 191 -4.81 2.38 -14.90
CA ALA B 191 -5.71 1.26 -15.13
C ALA B 191 -4.93 -0.06 -15.14
N ALA B 192 -3.74 -0.04 -15.72
CA ALA B 192 -2.90 -1.23 -15.76
C ALA B 192 -2.54 -1.70 -14.35
N VAL B 193 -2.20 -0.77 -13.48
CA VAL B 193 -1.79 -1.12 -12.12
C VAL B 193 -2.98 -1.67 -11.33
N ARG B 194 -4.15 -1.08 -11.52
CA ARG B 194 -5.40 -1.59 -10.94
C ARG B 194 -5.56 -3.10 -11.12
N ARG B 195 -5.36 -3.56 -12.34
CA ARG B 195 -5.55 -4.96 -12.68
CA ARG B 195 -5.56 -4.96 -12.66
C ARG B 195 -4.44 -5.83 -12.11
N GLU B 196 -3.22 -5.30 -12.07
CA GLU B 196 -2.09 -6.07 -11.57
C GLU B 196 -2.22 -6.42 -10.08
N ILE B 197 -2.71 -5.49 -9.27
CA ILE B 197 -2.78 -5.74 -7.82
C ILE B 197 -4.10 -6.37 -7.39
N GLY B 198 -5.14 -6.23 -8.22
CA GLY B 198 -6.39 -6.94 -8.02
C GLY B 198 -7.27 -6.43 -6.88
N VAL B 199 -6.67 -6.23 -5.71
CA VAL B 199 -7.39 -5.75 -4.54
C VAL B 199 -8.16 -4.47 -4.86
N PRO B 200 -9.38 -4.32 -4.31
CA PRO B 200 -10.06 -3.03 -4.52
C PRO B 200 -9.34 -1.89 -3.80
N THR B 201 -9.35 -0.71 -4.40
CA THR B 201 -8.76 0.47 -3.79
C THR B 201 -9.66 1.68 -4.05
N VAL B 202 -9.25 2.84 -3.53
CA VAL B 202 -9.93 4.08 -3.81
C VAL B 202 -10.11 4.32 -5.33
N PHE B 203 -9.22 3.75 -6.13
CA PHE B 203 -9.31 3.94 -7.58
C PHE B 203 -10.61 3.35 -8.14
N ASN B 204 -11.15 2.36 -7.45
CA ASN B 204 -12.42 1.76 -7.89
C ASN B 204 -13.60 2.75 -7.87
N LEU B 205 -13.44 3.87 -7.18
CA LEU B 205 -14.46 4.91 -7.12
C LEU B 205 -14.46 5.86 -8.32
N LEU B 206 -13.35 5.90 -9.04
CA LEU B 206 -13.10 7.01 -9.96
C LEU B 206 -13.91 6.91 -11.26
N GLY B 207 -14.24 5.69 -11.68
CA GLY B 207 -15.04 5.50 -12.89
C GLY B 207 -16.33 6.31 -12.87
N PRO B 208 -17.22 6.04 -11.91
CA PRO B 208 -18.49 6.77 -11.82
C PRO B 208 -18.31 8.26 -11.59
N LEU B 209 -17.17 8.64 -11.01
CA LEU B 209 -16.91 10.04 -10.70
C LEU B 209 -16.27 10.82 -11.85
N THR B 210 -15.95 10.15 -12.96
CA THR B 210 -15.24 10.84 -14.06
C THR B 210 -15.86 10.57 -15.42
N ASN B 211 -17.19 10.44 -15.44
CA ASN B 211 -17.93 10.45 -16.69
C ASN B 211 -17.56 11.71 -17.48
N PRO B 212 -16.97 11.53 -18.68
CA PRO B 212 -16.44 12.75 -19.33
C PRO B 212 -17.51 13.70 -19.85
N ALA B 213 -18.76 13.25 -19.90
CA ALA B 213 -19.87 14.10 -20.29
C ALA B 213 -20.34 14.95 -19.11
N ARG B 214 -19.85 14.64 -17.92
CA ARG B 214 -20.17 15.39 -16.70
C ARG B 214 -21.66 15.60 -16.44
N PRO B 215 -22.46 14.53 -16.51
CA PRO B 215 -23.87 14.68 -16.14
C PRO B 215 -24.02 15.08 -14.69
N ARG B 216 -25.05 15.85 -14.37
CA ARG B 216 -25.22 16.39 -13.02
C ARG B 216 -26.06 15.49 -12.13
N ALA B 217 -26.63 14.45 -12.70
CA ALA B 217 -27.50 13.55 -11.94
C ALA B 217 -27.18 12.10 -12.22
N GLY B 218 -27.68 11.23 -11.35
CA GLY B 218 -27.51 9.82 -11.61
C GLY B 218 -27.88 8.90 -10.48
N LEU B 219 -27.98 7.63 -10.84
CA LEU B 219 -28.11 6.54 -9.89
C LEU B 219 -26.77 5.85 -9.92
N ILE B 220 -26.06 5.87 -8.80
CA ILE B 220 -24.69 5.38 -8.76
C ILE B 220 -24.53 4.28 -7.74
N GLY B 221 -24.23 3.07 -8.23
CA GLY B 221 -24.00 1.95 -7.36
C GLY B 221 -22.59 1.95 -6.81
N CYS B 222 -22.47 1.56 -5.55
CA CYS B 222 -21.17 1.40 -4.93
C CYS B 222 -21.16 0.11 -4.10
N ALA B 223 -20.27 -0.82 -4.45
CA ALA B 223 -20.24 -2.14 -3.83
C ALA B 223 -19.56 -2.12 -2.46
N PHE B 224 -18.98 -0.98 -2.11
CA PHE B 224 -18.19 -0.85 -0.88
C PHE B 224 -18.88 0.10 0.09
N ALA B 225 -19.48 -0.46 1.12
CA ALA B 225 -20.38 0.29 1.99
C ALA B 225 -19.69 1.45 2.70
N ASP B 226 -18.39 1.32 2.95
CA ASP B 226 -17.64 2.35 3.68
C ASP B 226 -17.25 3.52 2.77
N LEU B 227 -17.01 3.22 1.51
CA LEU B 227 -16.59 4.23 0.54
C LEU B 227 -17.78 4.92 -0.13
N ALA B 228 -18.96 4.32 -0.02
CA ALA B 228 -20.15 4.88 -0.65
C ALA B 228 -20.40 6.29 -0.14
N GLU B 229 -20.18 6.47 1.15
CA GLU B 229 -20.41 7.75 1.80
C GLU B 229 -19.41 8.79 1.27
N VAL B 230 -18.18 8.37 1.06
CA VAL B 230 -17.15 9.26 0.52
C VAL B 230 -17.55 9.67 -0.90
N MET B 231 -17.94 8.68 -1.71
CA MET B 231 -18.34 8.94 -3.09
C MET B 231 -19.49 9.93 -3.11
N ALA B 232 -20.43 9.78 -2.18
CA ALA B 232 -21.57 10.69 -2.09
C ALA B 232 -21.13 12.12 -1.77
N GLY B 233 -20.12 12.25 -0.91
CA GLY B 233 -19.59 13.56 -0.56
C GLY B 233 -18.98 14.27 -1.76
N VAL B 234 -18.34 13.50 -2.64
CA VAL B 234 -17.74 14.08 -3.83
C VAL B 234 -18.83 14.63 -4.73
N PHE B 235 -19.90 13.86 -4.92
CA PHE B 235 -21.02 14.32 -5.73
C PHE B 235 -21.65 15.55 -5.11
N ALA B 236 -21.73 15.58 -3.78
CA ALA B 236 -22.32 16.70 -3.06
C ALA B 236 -21.54 18.00 -3.29
N ALA B 237 -20.22 17.89 -3.28
CA ALA B 237 -19.35 19.05 -3.49
C ALA B 237 -19.57 19.67 -4.87
N ARG B 238 -19.86 18.83 -5.86
CA ARG B 238 -20.20 19.28 -7.21
C ARG B 238 -21.62 19.77 -7.38
N ARG B 239 -22.44 19.68 -6.34
CA ARG B 239 -23.85 20.02 -6.43
C ARG B 239 -24.59 19.10 -7.42
N SER B 240 -24.18 17.84 -7.49
CA SER B 240 -24.91 16.85 -8.31
C SER B 240 -26.15 16.35 -7.56
N SER B 241 -27.12 15.85 -8.30
CA SER B 241 -28.30 15.20 -7.72
C SER B 241 -28.17 13.71 -7.99
N VAL B 242 -27.76 12.98 -6.97
CA VAL B 242 -27.44 11.56 -7.14
C VAL B 242 -28.01 10.74 -5.99
N LEU B 243 -28.40 9.51 -6.32
CA LEU B 243 -28.63 8.49 -5.32
C LEU B 243 -27.43 7.54 -5.41
N VAL B 244 -26.60 7.54 -4.37
CA VAL B 244 -25.53 6.55 -4.26
C VAL B 244 -26.12 5.35 -3.56
N VAL B 245 -26.09 4.19 -4.21
CA VAL B 245 -26.82 3.04 -3.70
C VAL B 245 -25.91 1.85 -3.42
N HIS B 246 -26.20 1.18 -2.31
CA HIS B 246 -25.51 -0.01 -1.90
C HIS B 246 -26.51 -1.01 -1.35
N GLY B 247 -26.74 -2.09 -2.09
CA GLY B 247 -27.63 -3.13 -1.64
C GLY B 247 -27.08 -3.74 -0.38
N ASP B 248 -27.94 -3.99 0.60
CA ASP B 248 -27.47 -4.52 1.88
C ASP B 248 -27.13 -6.00 1.74
N ASP B 249 -27.31 -6.53 0.54
CA ASP B 249 -26.81 -7.86 0.18
C ASP B 249 -25.45 -7.78 -0.52
N GLY B 250 -24.93 -6.56 -0.70
CA GLY B 250 -23.62 -6.35 -1.28
C GLY B 250 -23.62 -5.84 -2.71
N LEU B 251 -24.79 -5.75 -3.33
CA LEU B 251 -24.90 -5.33 -4.72
C LEU B 251 -24.63 -3.84 -4.92
N ASP B 252 -24.02 -3.48 -6.05
CA ASP B 252 -23.84 -2.08 -6.43
C ASP B 252 -25.01 -1.64 -7.28
N GLU B 253 -26.21 -1.98 -6.82
CA GLU B 253 -27.46 -1.59 -7.46
C GLU B 253 -28.55 -1.73 -6.41
N LEU B 254 -29.69 -1.09 -6.62
CA LEU B 254 -30.83 -1.30 -5.75
C LEU B 254 -31.28 -2.75 -5.89
N THR B 255 -31.24 -3.47 -4.78
CA THR B 255 -31.58 -4.89 -4.80
C THR B 255 -33.06 -5.11 -4.51
N THR B 256 -33.54 -6.29 -4.87
CA THR B 256 -34.90 -6.73 -4.55
C THR B 256 -34.89 -7.90 -3.59
N THR B 257 -33.70 -8.35 -3.21
CA THR B 257 -33.56 -9.46 -2.27
C THR B 257 -33.67 -8.99 -0.84
N THR B 258 -33.52 -7.69 -0.63
CA THR B 258 -33.57 -7.10 0.70
C THR B 258 -33.49 -5.57 0.59
N THR B 259 -33.19 -4.92 1.71
CA THR B 259 -33.10 -3.47 1.73
C THR B 259 -31.82 -2.98 1.07
N SER B 260 -31.82 -1.70 0.72
CA SER B 260 -30.63 -1.02 0.21
C SER B 260 -30.34 0.21 1.05
N THR B 261 -29.07 0.58 1.15
CA THR B 261 -28.70 1.85 1.72
C THR B 261 -28.55 2.84 0.58
N ILE B 262 -29.20 3.99 0.72
CA ILE B 262 -29.12 5.07 -0.25
C ILE B 262 -28.60 6.33 0.44
N TRP B 263 -27.51 6.88 -0.10
CA TRP B 263 -27.11 8.23 0.23
C TRP B 263 -27.72 9.17 -0.79
N ARG B 264 -28.72 9.93 -0.37
N ARG B 264 -28.70 9.96 -0.36
CA ARG B 264 -29.39 10.89 -1.25
CA ARG B 264 -29.38 10.89 -1.22
C ARG B 264 -28.58 12.17 -1.25
C ARG B 264 -28.64 12.21 -1.25
N VAL B 265 -28.12 12.56 -2.44
CA VAL B 265 -27.35 13.78 -2.60
C VAL B 265 -28.18 14.80 -3.37
N ALA B 266 -28.41 15.94 -2.74
CA ALA B 266 -29.13 17.05 -3.36
C ALA B 266 -28.89 18.31 -2.55
N ALA B 267 -28.85 19.46 -3.21
CA ALA B 267 -28.60 20.74 -2.56
C ALA B 267 -27.27 20.73 -1.81
N GLY B 268 -26.31 19.95 -2.29
CA GLY B 268 -24.98 19.92 -1.73
C GLY B 268 -24.87 19.18 -0.40
N SER B 269 -25.95 18.55 0.02
CA SER B 269 -25.96 17.80 1.27
C SER B 269 -26.23 16.32 1.02
N VAL B 270 -25.82 15.47 1.97
CA VAL B 270 -26.03 14.03 1.88
C VAL B 270 -26.98 13.58 2.97
N ASP B 271 -28.01 12.82 2.59
CA ASP B 271 -28.98 12.26 3.53
C ASP B 271 -28.95 10.73 3.42
N LYS B 272 -28.61 10.05 4.51
CA LYS B 272 -28.50 8.59 4.48
C LYS B 272 -29.86 7.95 4.79
N LEU B 273 -30.27 7.02 3.93
CA LEU B 273 -31.58 6.38 4.04
C LEU B 273 -31.45 4.89 3.84
N THR B 274 -32.39 4.13 4.41
CA THR B 274 -32.57 2.74 4.05
C THR B 274 -33.84 2.63 3.20
N PHE B 275 -33.74 1.87 2.11
CA PHE B 275 -34.82 1.74 1.14
C PHE B 275 -35.32 0.29 1.09
N ASP B 276 -36.63 0.11 1.27
CA ASP B 276 -37.23 -1.22 1.18
C ASP B 276 -38.24 -1.31 0.04
N PRO B 277 -37.90 -2.07 -1.02
CA PRO B 277 -38.80 -2.22 -2.18
C PRO B 277 -40.18 -2.78 -1.81
N ALA B 278 -40.26 -3.54 -0.72
CA ALA B 278 -41.54 -4.03 -0.23
C ALA B 278 -42.50 -2.86 0.02
N GLY B 279 -41.96 -1.68 0.28
CA GLY B 279 -42.77 -0.50 0.49
C GLY B 279 -43.47 -0.03 -0.77
N PHE B 280 -43.05 -0.57 -1.91
CA PHE B 280 -43.68 -0.25 -3.20
C PHE B 280 -44.25 -1.49 -3.86
N GLY B 281 -44.49 -2.52 -3.06
CA GLY B 281 -45.21 -3.70 -3.52
C GLY B 281 -44.35 -4.75 -4.20
N PHE B 282 -43.03 -4.62 -4.09
CA PHE B 282 -42.13 -5.58 -4.71
C PHE B 282 -41.87 -6.78 -3.81
N ALA B 283 -42.02 -7.97 -4.37
CA ALA B 283 -41.74 -9.21 -3.66
C ALA B 283 -40.25 -9.44 -3.53
N ARG B 284 -39.85 -10.13 -2.46
CA ARG B 284 -38.45 -10.47 -2.24
C ARG B 284 -37.97 -11.48 -3.26
N ALA B 285 -36.83 -11.22 -3.87
CA ALA B 285 -36.23 -12.15 -4.80
C ALA B 285 -35.00 -12.81 -4.18
N GLN B 286 -34.53 -13.90 -4.79
CA GLN B 286 -33.31 -14.55 -4.37
C GLN B 286 -32.14 -13.99 -5.16
N LEU B 287 -30.96 -13.98 -4.56
CA LEU B 287 -29.82 -13.29 -5.16
C LEU B 287 -29.38 -13.94 -6.47
N ASP B 288 -29.49 -15.26 -6.54
CA ASP B 288 -29.06 -15.98 -7.74
C ASP B 288 -29.93 -15.67 -8.95
N GLN B 289 -31.15 -15.20 -8.71
CA GLN B 289 -32.06 -14.84 -9.79
C GLN B 289 -31.59 -13.61 -10.54
N LEU B 290 -30.68 -12.84 -9.93
CA LEU B 290 -30.18 -11.60 -10.50
C LEU B 290 -28.78 -11.79 -11.08
N GLN B 296 -22.98 -12.05 -23.72
CA GLN B 296 -23.92 -12.79 -24.55
C GLN B 296 -25.14 -13.21 -23.75
N ALA B 297 -24.90 -13.65 -22.51
CA ALA B 297 -25.97 -14.02 -21.60
C ALA B 297 -26.79 -12.79 -21.23
N ASN B 298 -26.08 -11.72 -20.90
CA ASN B 298 -26.71 -10.47 -20.52
C ASN B 298 -27.57 -9.90 -21.66
N ALA B 299 -27.04 -9.97 -22.89
CA ALA B 299 -27.77 -9.48 -24.05
C ALA B 299 -29.11 -10.19 -24.18
N ALA B 300 -29.12 -11.50 -23.97
CA ALA B 300 -30.36 -12.26 -24.00
C ALA B 300 -31.28 -11.78 -22.88
N ALA B 301 -30.71 -11.48 -21.73
CA ALA B 301 -31.49 -11.00 -20.59
C ALA B 301 -32.06 -9.62 -20.87
N VAL B 302 -31.28 -8.77 -21.53
CA VAL B 302 -31.74 -7.45 -21.92
C VAL B 302 -32.94 -7.58 -22.87
N ARG B 303 -32.79 -8.40 -23.91
CA ARG B 303 -33.87 -8.57 -24.87
C ARG B 303 -35.15 -9.08 -24.22
N ALA B 304 -35.03 -9.98 -23.25
CA ALA B 304 -36.19 -10.54 -22.59
C ALA B 304 -36.96 -9.49 -21.79
N VAL B 305 -36.24 -8.72 -20.98
CA VAL B 305 -36.87 -7.70 -20.15
C VAL B 305 -37.52 -6.61 -20.99
N LEU B 306 -36.80 -6.12 -21.97
CA LEU B 306 -37.33 -5.06 -22.84
C LEU B 306 -38.49 -5.60 -23.67
N GLY B 307 -38.55 -6.91 -23.83
CA GLY B 307 -39.64 -7.55 -24.54
C GLY B 307 -40.89 -7.77 -23.70
N GLY B 308 -40.80 -7.53 -22.40
CA GLY B 308 -41.96 -7.59 -21.52
C GLY B 308 -41.96 -8.74 -20.53
N ALA B 309 -40.88 -9.51 -20.48
CA ALA B 309 -40.79 -10.62 -19.52
C ALA B 309 -40.92 -10.13 -18.08
N ARG B 310 -41.82 -10.77 -17.33
CA ARG B 310 -42.02 -10.42 -15.93
C ARG B 310 -41.10 -11.26 -15.05
N GLY B 311 -40.82 -10.77 -13.85
CA GLY B 311 -39.99 -11.49 -12.90
C GLY B 311 -39.06 -10.58 -12.12
N PRO B 312 -38.16 -11.18 -11.33
CA PRO B 312 -37.27 -10.40 -10.47
C PRO B 312 -36.29 -9.51 -11.24
N VAL B 313 -35.86 -9.92 -12.42
CA VAL B 313 -34.92 -9.10 -13.19
C VAL B 313 -35.61 -7.82 -13.64
N ARG B 314 -36.83 -7.94 -14.18
CA ARG B 314 -37.58 -6.78 -14.60
C ARG B 314 -37.79 -5.84 -13.41
N ASP B 315 -38.21 -6.41 -12.28
CA ASP B 315 -38.45 -5.64 -11.06
C ASP B 315 -37.22 -4.83 -10.67
N ALA B 316 -36.04 -5.46 -10.73
CA ALA B 316 -34.80 -4.81 -10.36
C ALA B 316 -34.48 -3.68 -11.35
N VAL B 317 -34.69 -3.94 -12.63
CA VAL B 317 -34.48 -2.93 -13.67
C VAL B 317 -35.41 -1.73 -13.44
N VAL B 318 -36.67 -2.00 -13.14
CA VAL B 318 -37.65 -0.95 -12.95
C VAL B 318 -37.30 -0.12 -11.71
N LEU B 319 -36.84 -0.78 -10.67
CA LEU B 319 -36.48 -0.09 -9.43
CA LEU B 319 -36.46 -0.12 -9.43
C LEU B 319 -35.28 0.83 -9.64
N ASN B 320 -34.25 0.35 -10.33
CA ASN B 320 -33.07 1.17 -10.59
C ASN B 320 -33.35 2.28 -11.58
N ALA B 321 -34.19 2.01 -12.58
CA ALA B 321 -34.57 3.05 -13.52
C ALA B 321 -35.32 4.16 -12.79
N ALA B 322 -36.24 3.76 -11.92
CA ALA B 322 -37.00 4.71 -11.13
C ALA B 322 -36.07 5.55 -10.26
N GLY B 323 -35.03 4.92 -9.73
CA GLY B 323 -34.06 5.62 -8.90
C GLY B 323 -33.36 6.72 -9.66
N ALA B 324 -32.95 6.42 -10.88
CA ALA B 324 -32.31 7.39 -11.74
C ALA B 324 -33.27 8.54 -12.04
N ILE B 325 -34.55 8.22 -12.23
CA ILE B 325 -35.56 9.22 -12.53
C ILE B 325 -35.81 10.12 -11.32
N VAL B 326 -35.77 9.54 -10.13
CA VAL B 326 -35.86 10.33 -8.90
C VAL B 326 -34.66 11.26 -8.79
N ALA B 327 -33.46 10.74 -9.08
CA ALA B 327 -32.25 11.57 -9.05
C ALA B 327 -32.40 12.71 -10.05
N HIS B 328 -32.91 12.39 -11.24
CA HIS B 328 -33.18 13.40 -12.26
C HIS B 328 -34.12 14.49 -11.74
N ALA B 329 -35.19 14.10 -11.05
CA ALA B 329 -36.16 15.06 -10.52
C ALA B 329 -35.50 15.98 -9.49
N GLY B 330 -34.45 15.47 -8.86
CA GLY B 330 -33.77 16.18 -7.81
C GLY B 330 -32.97 17.39 -8.28
N LEU B 331 -32.76 17.49 -9.60
CA LEU B 331 -32.07 18.64 -10.16
C LEU B 331 -32.92 19.90 -9.98
N SER B 332 -34.23 19.69 -9.93
CA SER B 332 -35.18 20.78 -9.72
C SER B 332 -36.30 20.36 -8.76
N GLU B 336 -40.71 15.58 -3.48
CA GLU B 336 -40.95 14.70 -2.33
C GLU B 336 -40.62 13.24 -2.66
N TRP B 337 -39.99 12.57 -1.71
CA TRP B 337 -39.42 11.23 -1.89
C TRP B 337 -40.46 10.21 -2.37
N LEU B 338 -41.60 10.13 -1.70
CA LEU B 338 -42.61 9.12 -2.01
C LEU B 338 -43.30 9.38 -3.36
N PRO B 339 -43.83 10.58 -3.56
CA PRO B 339 -44.43 10.86 -4.87
C PRO B 339 -43.41 10.73 -6.00
N ALA B 340 -42.15 11.04 -5.72
CA ALA B 340 -41.10 10.98 -6.72
C ALA B 340 -40.84 9.54 -7.15
N TRP B 341 -40.78 8.64 -6.18
CA TRP B 341 -40.56 7.22 -6.47
C TRP B 341 -41.76 6.63 -7.21
N GLU B 342 -42.95 6.98 -6.76
CA GLU B 342 -44.16 6.45 -7.41
C GLU B 342 -44.22 6.89 -8.87
N GLU B 343 -43.85 8.13 -9.15
CA GLU B 343 -43.86 8.62 -10.53
C GLU B 343 -42.75 7.94 -11.34
N GLY B 344 -41.57 7.85 -10.74
CA GLY B 344 -40.47 7.13 -11.35
C GLY B 344 -40.81 5.70 -11.73
N LEU B 345 -41.48 5.00 -10.83
CA LEU B 345 -41.88 3.62 -11.09
C LEU B 345 -42.91 3.53 -12.23
N ARG B 346 -43.86 4.47 -12.26
CA ARG B 346 -44.82 4.51 -13.36
C ARG B 346 -44.12 4.72 -14.70
N ARG B 347 -43.20 5.69 -14.74
CA ARG B 347 -42.53 6.05 -15.98
C ARG B 347 -41.64 4.91 -16.46
N ALA B 348 -40.94 4.27 -15.54
CA ALA B 348 -40.07 3.14 -15.88
C ALA B 348 -40.88 1.98 -16.44
N SER B 349 -41.93 1.58 -15.72
CA SER B 349 -42.82 0.51 -16.17
C SER B 349 -43.44 0.81 -17.54
N ALA B 350 -43.91 2.03 -17.72
CA ALA B 350 -44.55 2.42 -18.98
C ALA B 350 -43.55 2.43 -20.14
N ALA B 351 -42.33 2.85 -19.88
CA ALA B 351 -41.28 2.83 -20.90
C ALA B 351 -41.05 1.42 -21.44
N ILE B 352 -41.13 0.42 -20.57
CA ILE B 352 -41.01 -0.97 -21.01
C ILE B 352 -42.30 -1.40 -21.70
N ASP B 353 -43.43 -1.21 -21.02
CA ASP B 353 -44.70 -1.78 -21.46
C ASP B 353 -45.23 -1.23 -22.79
N THR B 354 -44.88 0.00 -23.10
CA THR B 354 -45.30 0.62 -24.36
C THR B 354 -44.41 0.17 -25.51
N GLY B 355 -43.31 -0.49 -25.18
CA GLY B 355 -42.31 -0.88 -26.15
C GLY B 355 -41.26 0.19 -26.45
N ALA B 356 -41.36 1.32 -25.77
CA ALA B 356 -40.45 2.44 -26.03
C ALA B 356 -39.00 2.07 -25.76
N ALA B 357 -38.77 1.30 -24.69
CA ALA B 357 -37.42 0.88 -24.33
C ALA B 357 -36.84 -0.06 -25.40
N GLU B 358 -37.63 -1.04 -25.82
CA GLU B 358 -37.21 -1.96 -26.87
C GLU B 358 -36.92 -1.20 -28.17
N GLN B 359 -37.78 -0.25 -28.51
CA GLN B 359 -37.59 0.52 -29.73
C GLN B 359 -36.33 1.38 -29.65
N LEU B 360 -36.07 1.94 -28.47
CA LEU B 360 -34.93 2.84 -28.32
C LEU B 360 -33.61 2.10 -28.54
N LEU B 361 -33.53 0.86 -28.03
CA LEU B 361 -32.34 0.04 -28.24
C LEU B 361 -32.15 -0.25 -29.73
N ALA B 362 -33.24 -0.62 -30.40
CA ALA B 362 -33.20 -0.85 -31.84
C ALA B 362 -32.71 0.40 -32.58
N ARG B 363 -33.22 1.55 -32.19
CA ARG B 363 -32.79 2.80 -32.83
C ARG B 363 -31.34 3.11 -32.51
N TRP B 364 -30.91 2.71 -31.33
CA TRP B 364 -29.52 2.89 -30.91
C TRP B 364 -28.59 2.05 -31.76
N VAL B 365 -28.99 0.79 -31.97
CA VAL B 365 -28.21 -0.13 -32.79
C VAL B 365 -28.12 0.39 -34.22
N ARG B 366 -29.25 0.86 -34.75
CA ARG B 366 -29.31 1.38 -36.11
C ARG B 366 -28.45 2.64 -36.27
N PHE B 367 -28.43 3.48 -35.25
CA PHE B 367 -27.62 4.70 -35.29
C PHE B 367 -26.15 4.40 -35.60
N GLY B 368 -25.62 3.36 -34.97
CA GLY B 368 -24.21 3.01 -35.10
C GLY B 368 -23.90 2.39 -36.45
N ARG B 369 -24.82 1.57 -36.94
CA ARG B 369 -24.64 0.90 -38.23
C ARG B 369 -24.72 1.88 -39.40
N GLN B 370 -25.22 3.08 -39.13
CA GLN B 370 -25.40 4.10 -40.17
C GLN B 370 -24.28 5.14 -40.14
N ILE B 371 -23.33 4.99 -39.22
CA ILE B 371 -22.23 5.94 -39.10
C ILE B 371 -21.19 5.71 -40.19
C01 7P2 C . 20.41 -4.95 -8.90
C02 7P2 C . 19.31 -3.91 -8.99
O03 7P2 C . 19.26 -2.97 -8.16
O04 7P2 C . 18.46 -3.97 -9.92
C05 7P2 C . 20.91 -5.48 -10.07
C06 7P2 C . 21.91 -6.43 -10.04
C07 7P2 C . 22.41 -6.87 -8.82
C08 7P2 C . 21.92 -6.34 -7.64
C09 7P2 C . 20.90 -5.40 -7.67
N10 7P2 C . 20.41 -4.84 -6.46
C11 7P2 C . 20.27 -5.51 -5.21
C12 7P2 C . 20.17 -6.90 -5.09
C13 7P2 C . 20.03 -7.47 -3.83
C14 7P2 C . 19.96 -6.68 -2.70
C15 7P2 C . 20.05 -5.31 -2.82
C16 7P2 C . 20.20 -4.74 -4.07
C17 7P2 C . 20.27 -3.23 -4.12
O18 7P2 C . 20.51 -2.63 -5.19
O19 7P2 C . 20.06 -2.61 -3.06
C20 7P2 C . 19.52 -6.41 -0.34
C21 7P2 C . 18.99 -7.22 0.82
C22 7P2 C . 19.18 -6.46 2.12
C23 7P2 C . 18.36 -5.20 2.12
P24 7P2 C . 18.74 -4.27 3.64
O25 7P2 C . 20.17 -3.93 3.80
O26 7P2 C . 18.12 -2.93 3.49
O27 7P2 C . 18.19 -5.06 4.90
O28 7P2 C . 19.80 -7.27 -1.42
N1 IMD D . 25.79 -8.03 -7.15
C2 IMD D . 26.93 -8.47 -6.57
N3 IMD D . 27.70 -7.40 -6.28
C4 IMD D . 27.05 -6.29 -6.69
C5 IMD D . 25.84 -6.69 -7.25
C01 7P2 E . -10.60 3.36 -15.68
C02 7P2 E . -10.19 2.07 -15.01
O03 7P2 E . -9.97 2.05 -13.76
O04 7P2 E . -10.08 1.01 -15.68
C05 7P2 E . -11.29 4.31 -14.93
C06 7P2 E . -11.68 5.50 -15.50
C07 7P2 E . -11.37 5.76 -16.84
C08 7P2 E . -10.67 4.82 -17.58
C09 7P2 E . -10.27 3.62 -17.01
N10 7P2 E . -9.55 2.62 -17.74
C11 7P2 E . -8.63 2.85 -18.82
C12 7P2 E . -8.22 4.11 -19.25
C13 7P2 E . -7.33 4.25 -20.31
C14 7P2 E . -6.84 3.13 -20.96
C15 7P2 E . -7.24 1.87 -20.55
C16 7P2 E . -8.13 1.74 -19.49
C17 7P2 E . -8.53 0.33 -19.09
O18 7P2 E . -7.85 -0.65 -19.50
O19 7P2 E . -9.53 0.14 -18.35
C20 7P2 E . -6.30 4.07 -23.09
C21 7P2 E . -5.95 3.40 -24.40
C22 7P2 E . -6.45 4.25 -25.56
C23 7P2 E . -5.30 4.61 -26.48
P24 7P2 E . -5.70 6.14 -27.39
O25 7P2 E . -5.28 6.05 -28.80
O26 7P2 E . -4.87 7.26 -26.90
O27 7P2 E . -7.24 6.46 -27.24
O28 7P2 E . -5.93 3.22 -22.03
N1 IMD F . -43.29 12.82 -17.10
C2 IMD F . -44.06 12.73 -15.98
N3 IMD F . -44.86 11.65 -16.09
C4 IMD F . -44.60 11.05 -17.26
C5 IMD F . -43.61 11.79 -17.90
#